data_7XAN
# 
_entry.id   7XAN 
# 
_audit_conform.dict_name       mmcif_pdbx.dic 
_audit_conform.dict_version    5.380 
_audit_conform.dict_location   http://mmcif.pdb.org/dictionaries/ascii/mmcif_pdbx.dic 
# 
loop_
_database_2.database_id 
_database_2.database_code 
_database_2.pdbx_database_accession 
_database_2.pdbx_DOI 
PDB   7XAN         pdb_00007xan 10.2210/pdb7xan/pdb 
WWPDB D_1300027965 ?            ?                   
# 
_pdbx_database_status.status_code                     REL 
_pdbx_database_status.status_code_sf                  REL 
_pdbx_database_status.status_code_mr                  ? 
_pdbx_database_status.entry_id                        7XAN 
_pdbx_database_status.recvd_initial_deposition_date   2022-03-18 
_pdbx_database_status.SG_entry                        N 
_pdbx_database_status.deposit_site                    PDBJ 
_pdbx_database_status.process_site                    PDBJ 
_pdbx_database_status.status_code_cs                  ? 
_pdbx_database_status.status_code_nmr_data            ? 
_pdbx_database_status.methods_development_category    ? 
_pdbx_database_status.pdb_format_compatible           Y 
# 
loop_
_audit_author.name 
_audit_author.pdbx_ordinal 
_audit_author.identifier_ORCID 
'Qian, S.' 1 ? 
'Li, H.'   2 ? 
'Fan, X.'  3 ? 
'Tian, X.' 4 ? 
'Li, J.'   5 ? 
'Wang, L.' 6 ? 
'Chu, Y.'  7 ? 
# 
_citation.abstract                  ? 
_citation.abstract_id_CAS           ? 
_citation.book_id_ISBN              ? 
_citation.book_publisher            ? 
_citation.book_publisher_city       ? 
_citation.book_title                ? 
_citation.coordinate_linkage        ? 
_citation.country                   ? 
_citation.database_id_Medline       ? 
_citation.details                   ? 
_citation.id                        primary 
_citation.journal_abbrev            'To Be Published' 
_citation.journal_id_ASTM           ? 
_citation.journal_id_CSD            0353 
_citation.journal_id_ISSN           ? 
_citation.journal_full              ? 
_citation.journal_issue             ? 
_citation.journal_volume            ? 
_citation.language                  ? 
_citation.page_first                ? 
_citation.page_last                 ? 
_citation.title                     'Structure of a triple-helix region of human collagen type III from Trautec' 
_citation.year                      ? 
_citation.database_id_CSD           ? 
_citation.pdbx_database_id_DOI      ? 
_citation.pdbx_database_id_PubMed   ? 
_citation.pdbx_database_id_patent   ? 
_citation.unpublished_flag          ? 
# 
loop_
_citation_author.citation_id 
_citation_author.name 
_citation_author.ordinal 
_citation_author.identifier_ORCID 
primary 'Qian, S.' 1 ? 
primary 'Li, H.'   2 ? 
primary 'Fan, X.'  3 ? 
primary 'Tian, X.' 4 ? 
primary 'Li, J.'   5 ? 
primary 'Wang, L.' 6 ? 
primary 'Chu, Y.'  7 ? 
# 
_cell.angle_alpha                  90.000 
_cell.angle_alpha_esd              ? 
_cell.angle_beta                   93.770 
_cell.angle_beta_esd               ? 
_cell.angle_gamma                  90.000 
_cell.angle_gamma_esd              ? 
_cell.entry_id                     7XAN 
_cell.details                      ? 
_cell.formula_units_Z              ? 
_cell.length_a                     15.783 
_cell.length_a_esd                 ? 
_cell.length_b                     19.439 
_cell.length_b_esd                 ? 
_cell.length_c                     83.164 
_cell.length_c_esd                 ? 
_cell.volume                       ? 
_cell.volume_esd                   ? 
_cell.Z_PDB                        6 
_cell.reciprocal_angle_alpha       ? 
_cell.reciprocal_angle_beta        ? 
_cell.reciprocal_angle_gamma       ? 
_cell.reciprocal_angle_alpha_esd   ? 
_cell.reciprocal_angle_beta_esd    ? 
_cell.reciprocal_angle_gamma_esd   ? 
_cell.reciprocal_length_a          ? 
_cell.reciprocal_length_b          ? 
_cell.reciprocal_length_c          ? 
_cell.reciprocal_length_a_esd      ? 
_cell.reciprocal_length_b_esd      ? 
_cell.reciprocal_length_c_esd      ? 
_cell.pdbx_unique_axis             ? 
# 
_symmetry.entry_id                         7XAN 
_symmetry.cell_setting                     ? 
_symmetry.Int_Tables_number                4 
_symmetry.space_group_name_Hall            ? 
_symmetry.space_group_name_H-M             'P 1 21 1' 
_symmetry.pdbx_full_space_group_name_H-M   ? 
# 
loop_
_entity.id 
_entity.type 
_entity.src_method 
_entity.pdbx_description 
_entity.formula_weight 
_entity.pdbx_number_of_molecules 
_entity.pdbx_ec 
_entity.pdbx_mutation 
_entity.pdbx_fragment 
_entity.details 
1 polymer syn 'Collagen alpha-1(III) chain' 2434.551 3  ? ? ? ? 
2 water   nat water                         18.015   78 ? ? ? ? 
# 
_entity_poly.entity_id                      1 
_entity_poly.type                           'polypeptide(L)' 
_entity_poly.nstd_linkage                   no 
_entity_poly.nstd_monomer                   yes 
_entity_poly.pdbx_seq_one_letter_code       'P(HYP)GP(HYP)GP(HYP)GEKGSPGAQGP(HYP)GP(HYP)GP(HYP)G' 
_entity_poly.pdbx_seq_one_letter_code_can   PPGPPGPPGEKGSPGAQGPPGPPGPPG 
_entity_poly.pdbx_strand_id                 A,B,C 
_entity_poly.pdbx_target_identifier         ? 
# 
loop_
_entity_poly_seq.entity_id 
_entity_poly_seq.num 
_entity_poly_seq.mon_id 
_entity_poly_seq.hetero 
1 1  PRO n 
1 2  HYP n 
1 3  GLY n 
1 4  PRO n 
1 5  HYP n 
1 6  GLY n 
1 7  PRO n 
1 8  HYP n 
1 9  GLY n 
1 10 GLU n 
1 11 LYS n 
1 12 GLY n 
1 13 SER n 
1 14 PRO n 
1 15 GLY n 
1 16 ALA n 
1 17 GLN n 
1 18 GLY n 
1 19 PRO n 
1 20 HYP n 
1 21 GLY n 
1 22 PRO n 
1 23 HYP n 
1 24 GLY n 
1 25 PRO n 
1 26 HYP n 
1 27 GLY n 
# 
_pdbx_entity_src_syn.entity_id              1 
_pdbx_entity_src_syn.pdbx_src_id            1 
_pdbx_entity_src_syn.pdbx_alt_source_flag   sample 
_pdbx_entity_src_syn.pdbx_beg_seq_num       1 
_pdbx_entity_src_syn.pdbx_end_seq_num       27 
_pdbx_entity_src_syn.organism_scientific    'Homo sapiens' 
_pdbx_entity_src_syn.organism_common_name   human 
_pdbx_entity_src_syn.ncbi_taxonomy_id       9606 
_pdbx_entity_src_syn.details                ? 
# 
_struct_ref.id                         1 
_struct_ref.db_name                    UNP 
_struct_ref.db_code                    CO3A1_HUMAN 
_struct_ref.pdbx_db_accession          P02461 
_struct_ref.pdbx_db_isoform            ? 
_struct_ref.entity_id                  1 
_struct_ref.pdbx_seq_one_letter_code   PKGDAGQPGEKGSPGAQGPPGAPGPLG 
_struct_ref.pdbx_align_begin           922 
# 
loop_
_struct_ref_seq.align_id 
_struct_ref_seq.ref_id 
_struct_ref_seq.pdbx_PDB_id_code 
_struct_ref_seq.pdbx_strand_id 
_struct_ref_seq.seq_align_beg 
_struct_ref_seq.pdbx_seq_align_beg_ins_code 
_struct_ref_seq.seq_align_end 
_struct_ref_seq.pdbx_seq_align_end_ins_code 
_struct_ref_seq.pdbx_db_accession 
_struct_ref_seq.db_align_beg 
_struct_ref_seq.pdbx_db_align_beg_ins_code 
_struct_ref_seq.db_align_end 
_struct_ref_seq.pdbx_db_align_end_ins_code 
_struct_ref_seq.pdbx_auth_seq_align_beg 
_struct_ref_seq.pdbx_auth_seq_align_end 
1 1 7XAN A 1 ? 27 ? P02461 922 ? 948 ? 1 27 
2 1 7XAN B 1 ? 27 ? P02461 922 ? 948 ? 1 27 
3 1 7XAN C 1 ? 27 ? P02461 922 ? 948 ? 1 27 
# 
loop_
_struct_ref_seq_dif.align_id 
_struct_ref_seq_dif.pdbx_pdb_id_code 
_struct_ref_seq_dif.mon_id 
_struct_ref_seq_dif.pdbx_pdb_strand_id 
_struct_ref_seq_dif.seq_num 
_struct_ref_seq_dif.pdbx_pdb_ins_code 
_struct_ref_seq_dif.pdbx_seq_db_name 
_struct_ref_seq_dif.pdbx_seq_db_accession_code 
_struct_ref_seq_dif.db_mon_id 
_struct_ref_seq_dif.pdbx_seq_db_seq_num 
_struct_ref_seq_dif.details 
_struct_ref_seq_dif.pdbx_auth_seq_num 
_struct_ref_seq_dif.pdbx_ordinal 
1 7XAN HYP A 2  ? UNP P02461 LYS 923 conflict 2  1  
1 7XAN PRO A 4  ? UNP P02461 ASP 925 conflict 4  2  
1 7XAN HYP A 5  ? UNP P02461 ALA 926 conflict 5  3  
1 7XAN PRO A 7  ? UNP P02461 GLN 928 conflict 7  4  
1 7XAN PRO A 22 ? UNP P02461 ALA 943 conflict 22 5  
1 7XAN HYP A 26 ? UNP P02461 LEU 947 conflict 26 6  
2 7XAN HYP B 2  ? UNP P02461 LYS 923 conflict 2  7  
2 7XAN PRO B 4  ? UNP P02461 ASP 925 conflict 4  8  
2 7XAN HYP B 5  ? UNP P02461 ALA 926 conflict 5  9  
2 7XAN PRO B 7  ? UNP P02461 GLN 928 conflict 7  10 
2 7XAN PRO B 22 ? UNP P02461 ALA 943 conflict 22 11 
2 7XAN HYP B 26 ? UNP P02461 LEU 947 conflict 26 12 
3 7XAN HYP C 2  ? UNP P02461 LYS 923 conflict 2  13 
3 7XAN PRO C 4  ? UNP P02461 ASP 925 conflict 4  14 
3 7XAN HYP C 5  ? UNP P02461 ALA 926 conflict 5  15 
3 7XAN PRO C 7  ? UNP P02461 GLN 928 conflict 7  16 
3 7XAN PRO C 22 ? UNP P02461 ALA 943 conflict 22 17 
3 7XAN HYP C 26 ? UNP P02461 LEU 947 conflict 26 18 
# 
loop_
_chem_comp.id 
_chem_comp.type 
_chem_comp.mon_nstd_flag 
_chem_comp.name 
_chem_comp.pdbx_synonyms 
_chem_comp.formula 
_chem_comp.formula_weight 
ALA 'L-peptide linking' y ALANINE          ?              'C3 H7 N O2'     89.093  
ASP 'L-peptide linking' y 'ASPARTIC ACID'  ?              'C4 H7 N O4'     133.103 
GLN 'L-peptide linking' y GLUTAMINE        ?              'C5 H10 N2 O3'   146.144 
GLU 'L-peptide linking' y 'GLUTAMIC ACID'  ?              'C5 H9 N O4'     147.129 
GLY 'peptide linking'   y GLYCINE          ?              'C2 H5 N O2'     75.067  
HOH non-polymer         . WATER            ?              'H2 O'           18.015  
HYP 'L-peptide linking' n 4-HYDROXYPROLINE HYDROXYPROLINE 'C5 H9 N O3'     131.130 
LEU 'L-peptide linking' y LEUCINE          ?              'C6 H13 N O2'    131.173 
LYS 'L-peptide linking' y LYSINE           ?              'C6 H15 N2 O2 1' 147.195 
PRO 'L-peptide linking' y PROLINE          ?              'C5 H9 N O2'     115.130 
SER 'L-peptide linking' y SERINE           ?              'C3 H7 N O3'     105.093 
# 
_exptl.absorpt_coefficient_mu     ? 
_exptl.absorpt_correction_T_max   ? 
_exptl.absorpt_correction_T_min   ? 
_exptl.absorpt_correction_type    ? 
_exptl.absorpt_process_details    ? 
_exptl.entry_id                   7XAN 
_exptl.crystals_number            1 
_exptl.details                    ? 
_exptl.method                     'X-RAY DIFFRACTION' 
_exptl.method_details             ? 
# 
_exptl_crystal.colour                      ? 
_exptl_crystal.density_diffrn              ? 
_exptl_crystal.density_Matthews            1.74 
_exptl_crystal.density_method              ? 
_exptl_crystal.density_percent_sol         29.43 
_exptl_crystal.description                 ? 
_exptl_crystal.F_000                       ? 
_exptl_crystal.id                          1 
_exptl_crystal.preparation                 ? 
_exptl_crystal.size_max                    ? 
_exptl_crystal.size_mid                    ? 
_exptl_crystal.size_min                    ? 
_exptl_crystal.size_rad                    ? 
_exptl_crystal.colour_lustre               ? 
_exptl_crystal.colour_modifier             ? 
_exptl_crystal.colour_primary              ? 
_exptl_crystal.density_meas                ? 
_exptl_crystal.density_meas_esd            ? 
_exptl_crystal.density_meas_gt             ? 
_exptl_crystal.density_meas_lt             ? 
_exptl_crystal.density_meas_temp           ? 
_exptl_crystal.density_meas_temp_esd       ? 
_exptl_crystal.density_meas_temp_gt        ? 
_exptl_crystal.density_meas_temp_lt        ? 
_exptl_crystal.pdbx_crystal_image_url      ? 
_exptl_crystal.pdbx_crystal_image_format   ? 
_exptl_crystal.pdbx_mosaicity              ? 
_exptl_crystal.pdbx_mosaicity_esd          ? 
# 
_exptl_crystal_grow.apparatus       ? 
_exptl_crystal_grow.atmosphere      ? 
_exptl_crystal_grow.crystal_id      1 
_exptl_crystal_grow.details         ? 
_exptl_crystal_grow.method          'VAPOR DIFFUSION, SITTING DROP' 
_exptl_crystal_grow.method_ref      ? 
_exptl_crystal_grow.pH              ? 
_exptl_crystal_grow.pressure        ? 
_exptl_crystal_grow.pressure_esd    ? 
_exptl_crystal_grow.seeding         ? 
_exptl_crystal_grow.seeding_ref     ? 
_exptl_crystal_grow.temp            293 
_exptl_crystal_grow.temp_details    ? 
_exptl_crystal_grow.temp_esd        ? 
_exptl_crystal_grow.time            ? 
_exptl_crystal_grow.pdbx_details    '0.04M K phosphate monobasic, 16% w/v PEG 8000, 20% v/v Glycerol' 
_exptl_crystal_grow.pdbx_pH_range   ? 
# 
_diffrn.ambient_environment              ? 
_diffrn.ambient_temp                     100 
_diffrn.ambient_temp_details             ? 
_diffrn.ambient_temp_esd                 ? 
_diffrn.crystal_id                       1 
_diffrn.crystal_support                  ? 
_diffrn.crystal_treatment                ? 
_diffrn.details                          ? 
_diffrn.id                               1 
_diffrn.ambient_pressure                 ? 
_diffrn.ambient_pressure_esd             ? 
_diffrn.ambient_pressure_gt              ? 
_diffrn.ambient_pressure_lt              ? 
_diffrn.ambient_temp_gt                  ? 
_diffrn.ambient_temp_lt                  ? 
_diffrn.pdbx_serial_crystal_experiment   N 
# 
_diffrn_detector.details                      ? 
_diffrn_detector.detector                     PIXEL 
_diffrn_detector.diffrn_id                    1 
_diffrn_detector.type                         'DECTRIS PILATUS3 6M' 
_diffrn_detector.area_resol_mean              ? 
_diffrn_detector.dtime                        ? 
_diffrn_detector.pdbx_frames_total            ? 
_diffrn_detector.pdbx_collection_time_total   ? 
_diffrn_detector.pdbx_collection_date         2022-02-18 
_diffrn_detector.pdbx_frequency               ? 
# 
_diffrn_radiation.collimation                      ? 
_diffrn_radiation.diffrn_id                        1 
_diffrn_radiation.filter_edge                      ? 
_diffrn_radiation.inhomogeneity                    ? 
_diffrn_radiation.monochromator                    ? 
_diffrn_radiation.polarisn_norm                    ? 
_diffrn_radiation.polarisn_ratio                   ? 
_diffrn_radiation.probe                            ? 
_diffrn_radiation.type                             ? 
_diffrn_radiation.xray_symbol                      ? 
_diffrn_radiation.wavelength_id                    1 
_diffrn_radiation.pdbx_monochromatic_or_laue_m_l   M 
_diffrn_radiation.pdbx_wavelength_list             ? 
_diffrn_radiation.pdbx_wavelength                  ? 
_diffrn_radiation.pdbx_diffrn_protocol             'SINGLE WAVELENGTH' 
_diffrn_radiation.pdbx_analyzer                    ? 
_diffrn_radiation.pdbx_scattering_type             x-ray 
# 
_diffrn_radiation_wavelength.id           1 
_diffrn_radiation_wavelength.wavelength   0.7749 
_diffrn_radiation_wavelength.wt           1.0 
# 
_diffrn_source.current                     ? 
_diffrn_source.details                     ? 
_diffrn_source.diffrn_id                   1 
_diffrn_source.power                       ? 
_diffrn_source.size                        ? 
_diffrn_source.source                      SYNCHROTRON 
_diffrn_source.target                      ? 
_diffrn_source.type                        'CLSI BEAMLINE 08ID-1' 
_diffrn_source.voltage                     ? 
_diffrn_source.take-off_angle              ? 
_diffrn_source.pdbx_wavelength_list        0.7749 
_diffrn_source.pdbx_wavelength             ? 
_diffrn_source.pdbx_synchrotron_beamline   08ID-1 
_diffrn_source.pdbx_synchrotron_site       CLSI 
# 
_reflns.B_iso_Wilson_estimate                          ? 
_reflns.entry_id                                       7XAN 
_reflns.data_reduction_details                         ? 
_reflns.data_reduction_method                          ? 
_reflns.d_resolution_high                              1.5 
_reflns.d_resolution_low                               41.49 
_reflns.details                                        ? 
_reflns.limit_h_max                                    ? 
_reflns.limit_h_min                                    ? 
_reflns.limit_k_max                                    ? 
_reflns.limit_k_min                                    ? 
_reflns.limit_l_max                                    ? 
_reflns.limit_l_min                                    ? 
_reflns.number_all                                     ? 
_reflns.number_obs                                     8076 
_reflns.observed_criterion                             ? 
_reflns.observed_criterion_F_max                       ? 
_reflns.observed_criterion_F_min                       ? 
_reflns.observed_criterion_I_max                       ? 
_reflns.observed_criterion_I_min                       ? 
_reflns.observed_criterion_sigma_F                     ? 
_reflns.observed_criterion_sigma_I                     ? 
_reflns.percent_possible_obs                           97.4 
_reflns.R_free_details                                 ? 
_reflns.Rmerge_F_all                                   ? 
_reflns.Rmerge_F_obs                                   ? 
_reflns.Friedel_coverage                               ? 
_reflns.number_gt                                      ? 
_reflns.threshold_expression                           ? 
_reflns.pdbx_redundancy                                6.3 
_reflns.pdbx_Rmerge_I_obs                              0.021 
_reflns.pdbx_Rmerge_I_all                              ? 
_reflns.pdbx_Rsym_value                                ? 
_reflns.pdbx_netI_over_av_sigmaI                       ? 
_reflns.pdbx_netI_over_sigmaI                          48.1 
_reflns.pdbx_res_netI_over_av_sigmaI_2                 ? 
_reflns.pdbx_res_netI_over_sigmaI_2                    ? 
_reflns.pdbx_chi_squared                               ? 
_reflns.pdbx_scaling_rejects                           ? 
_reflns.pdbx_d_res_high_opt                            ? 
_reflns.pdbx_d_res_low_opt                             ? 
_reflns.pdbx_d_res_opt_method                          ? 
_reflns.phase_calculation_details                      ? 
_reflns.pdbx_Rrim_I_all                                ? 
_reflns.pdbx_Rpim_I_all                                ? 
_reflns.pdbx_d_opt                                     ? 
_reflns.pdbx_number_measured_all                       ? 
_reflns.pdbx_diffrn_id                                 1 
_reflns.pdbx_ordinal                                   1 
_reflns.pdbx_CC_half                                   ? 
_reflns.pdbx_CC_star                                   ? 
_reflns.pdbx_R_split                                   ? 
_reflns.pdbx_aniso_diffraction_limit_axis_1_ortho[1]   ? 
_reflns.pdbx_aniso_diffraction_limit_axis_1_ortho[2]   ? 
_reflns.pdbx_aniso_diffraction_limit_axis_1_ortho[3]   ? 
_reflns.pdbx_aniso_diffraction_limit_axis_2_ortho[1]   ? 
_reflns.pdbx_aniso_diffraction_limit_axis_2_ortho[2]   ? 
_reflns.pdbx_aniso_diffraction_limit_axis_2_ortho[3]   ? 
_reflns.pdbx_aniso_diffraction_limit_axis_3_ortho[1]   ? 
_reflns.pdbx_aniso_diffraction_limit_axis_3_ortho[2]   ? 
_reflns.pdbx_aniso_diffraction_limit_axis_3_ortho[3]   ? 
_reflns.pdbx_aniso_diffraction_limit_1                 ? 
_reflns.pdbx_aniso_diffraction_limit_2                 ? 
_reflns.pdbx_aniso_diffraction_limit_3                 ? 
_reflns.pdbx_aniso_B_tensor_eigenvector_1_ortho[1]     ? 
_reflns.pdbx_aniso_B_tensor_eigenvector_1_ortho[2]     ? 
_reflns.pdbx_aniso_B_tensor_eigenvector_1_ortho[3]     ? 
_reflns.pdbx_aniso_B_tensor_eigenvector_2_ortho[1]     ? 
_reflns.pdbx_aniso_B_tensor_eigenvector_2_ortho[2]     ? 
_reflns.pdbx_aniso_B_tensor_eigenvector_2_ortho[3]     ? 
_reflns.pdbx_aniso_B_tensor_eigenvector_3_ortho[1]     ? 
_reflns.pdbx_aniso_B_tensor_eigenvector_3_ortho[2]     ? 
_reflns.pdbx_aniso_B_tensor_eigenvector_3_ortho[3]     ? 
_reflns.pdbx_aniso_B_tensor_eigenvalue_1               ? 
_reflns.pdbx_aniso_B_tensor_eigenvalue_2               ? 
_reflns.pdbx_aniso_B_tensor_eigenvalue_3               ? 
_reflns.pdbx_orthogonalization_convention              ? 
_reflns.pdbx_percent_possible_ellipsoidal              ? 
_reflns.pdbx_percent_possible_spherical                ? 
_reflns.pdbx_percent_possible_ellipsoidal_anomalous    ? 
_reflns.pdbx_percent_possible_spherical_anomalous      ? 
_reflns.pdbx_redundancy_anomalous                      ? 
_reflns.pdbx_CC_half_anomalous                         ? 
_reflns.pdbx_absDiff_over_sigma_anomalous              ? 
_reflns.pdbx_percent_possible_anomalous                ? 
_reflns.pdbx_observed_signal_threshold                 ? 
_reflns.pdbx_signal_type                               ? 
_reflns.pdbx_signal_details                            ? 
_reflns.pdbx_signal_software_id                        ? 
# 
_reflns_shell.d_res_high                                    1.5 
_reflns_shell.d_res_low                                     1.53 
_reflns_shell.meanI_over_sigI_all                           ? 
_reflns_shell.meanI_over_sigI_obs                           ? 
_reflns_shell.number_measured_all                           ? 
_reflns_shell.number_measured_obs                           ? 
_reflns_shell.number_possible                               ? 
_reflns_shell.number_unique_all                             ? 
_reflns_shell.number_unique_obs                             360 
_reflns_shell.percent_possible_all                          ? 
_reflns_shell.percent_possible_obs                          ? 
_reflns_shell.Rmerge_F_all                                  ? 
_reflns_shell.Rmerge_F_obs                                  ? 
_reflns_shell.Rmerge_I_all                                  ? 
_reflns_shell.Rmerge_I_obs                                  0.058 
_reflns_shell.meanI_over_sigI_gt                            ? 
_reflns_shell.meanI_over_uI_all                             ? 
_reflns_shell.meanI_over_uI_gt                              ? 
_reflns_shell.number_measured_gt                            ? 
_reflns_shell.number_unique_gt                              ? 
_reflns_shell.percent_possible_gt                           ? 
_reflns_shell.Rmerge_F_gt                                   ? 
_reflns_shell.Rmerge_I_gt                                   ? 
_reflns_shell.pdbx_redundancy                               ? 
_reflns_shell.pdbx_Rsym_value                               ? 
_reflns_shell.pdbx_chi_squared                              ? 
_reflns_shell.pdbx_netI_over_sigmaI_all                     ? 
_reflns_shell.pdbx_netI_over_sigmaI_obs                     ? 
_reflns_shell.pdbx_Rrim_I_all                               ? 
_reflns_shell.pdbx_Rpim_I_all                               ? 
_reflns_shell.pdbx_rejects                                  ? 
_reflns_shell.pdbx_ordinal                                  1 
_reflns_shell.pdbx_diffrn_id                                1 
_reflns_shell.pdbx_CC_half                                  ? 
_reflns_shell.pdbx_CC_star                                  ? 
_reflns_shell.pdbx_R_split                                  ? 
_reflns_shell.pdbx_percent_possible_ellipsoidal             ? 
_reflns_shell.pdbx_percent_possible_spherical               ? 
_reflns_shell.pdbx_percent_possible_ellipsoidal_anomalous   ? 
_reflns_shell.pdbx_percent_possible_spherical_anomalous     ? 
_reflns_shell.pdbx_redundancy_anomalous                     ? 
_reflns_shell.pdbx_CC_half_anomalous                        ? 
_reflns_shell.pdbx_absDiff_over_sigma_anomalous             ? 
_reflns_shell.pdbx_percent_possible_anomalous               ? 
# 
_refine.aniso_B[1][1]                            0.140 
_refine.aniso_B[1][2]                            -0.000 
_refine.aniso_B[1][3]                            -0.421 
_refine.aniso_B[2][2]                            -0.336 
_refine.aniso_B[2][3]                            -0.000 
_refine.aniso_B[3][3]                            0.250 
_refine.B_iso_max                                ? 
_refine.B_iso_mean                               21.368 
_refine.B_iso_min                                ? 
_refine.correlation_coeff_Fo_to_Fc               0.965 
_refine.correlation_coeff_Fo_to_Fc_free          0.947 
_refine.details                                  'Hydrogens have been added in their riding positions' 
_refine.diff_density_max                         ? 
_refine.diff_density_max_esd                     ? 
_refine.diff_density_min                         ? 
_refine.diff_density_min_esd                     ? 
_refine.diff_density_rms                         ? 
_refine.diff_density_rms_esd                     ? 
_refine.entry_id                                 7XAN 
_refine.pdbx_refine_id                           'X-RAY DIFFRACTION' 
_refine.ls_abs_structure_details                 ? 
_refine.ls_abs_structure_Flack                   ? 
_refine.ls_abs_structure_Flack_esd               ? 
_refine.ls_abs_structure_Rogers                  ? 
_refine.ls_abs_structure_Rogers_esd              ? 
_refine.ls_d_res_high                            1.500 
_refine.ls_d_res_low                             20.755 
_refine.ls_extinction_coef                       ? 
_refine.ls_extinction_coef_esd                   ? 
_refine.ls_extinction_expression                 ? 
_refine.ls_extinction_method                     ? 
_refine.ls_goodness_of_fit_all                   ? 
_refine.ls_goodness_of_fit_all_esd               ? 
_refine.ls_goodness_of_fit_obs                   ? 
_refine.ls_goodness_of_fit_obs_esd               ? 
_refine.ls_hydrogen_treatment                    ? 
_refine.ls_matrix_type                           ? 
_refine.ls_number_constraints                    ? 
_refine.ls_number_parameters                     ? 
_refine.ls_number_reflns_all                     ? 
_refine.ls_number_reflns_obs                     8070 
_refine.ls_number_reflns_R_free                  374 
_refine.ls_number_reflns_R_work                  7696 
_refine.ls_number_restraints                     ? 
_refine.ls_percent_reflns_obs                    96.635 
_refine.ls_percent_reflns_R_free                 4.634 
_refine.ls_R_factor_all                          0.168 
_refine.ls_R_factor_obs                          ? 
_refine.ls_R_factor_R_free                       0.1997 
_refine.ls_R_factor_R_free_error                 ? 
_refine.ls_R_factor_R_free_error_details         ? 
_refine.ls_R_factor_R_work                       0.1668 
_refine.ls_R_Fsqd_factor_obs                     ? 
_refine.ls_R_I_factor_obs                        ? 
_refine.ls_redundancy_reflns_all                 ? 
_refine.ls_redundancy_reflns_obs                 ? 
_refine.ls_restrained_S_all                      ? 
_refine.ls_restrained_S_obs                      ? 
_refine.ls_shift_over_esd_max                    ? 
_refine.ls_shift_over_esd_mean                   ? 
_refine.ls_structure_factor_coef                 ? 
_refine.ls_weighting_details                     ? 
_refine.ls_weighting_scheme                      ? 
_refine.ls_wR_factor_all                         ? 
_refine.ls_wR_factor_obs                         ? 
_refine.ls_wR_factor_R_free                      ? 
_refine.ls_wR_factor_R_work                      ? 
_refine.occupancy_max                            ? 
_refine.occupancy_min                            ? 
_refine.solvent_model_details                    'MASK BULK SOLVENT' 
_refine.solvent_model_param_bsol                 ? 
_refine.solvent_model_param_ksol                 ? 
_refine.pdbx_R_complete                          ? 
_refine.ls_R_factor_gt                           ? 
_refine.ls_goodness_of_fit_gt                    ? 
_refine.ls_goodness_of_fit_ref                   ? 
_refine.ls_shift_over_su_max                     ? 
_refine.ls_shift_over_su_max_lt                  ? 
_refine.ls_shift_over_su_mean                    ? 
_refine.ls_shift_over_su_mean_lt                 ? 
_refine.pdbx_ls_sigma_I                          ? 
_refine.pdbx_ls_sigma_F                          ? 
_refine.pdbx_ls_sigma_Fsqd                       ? 
_refine.pdbx_data_cutoff_high_absF               ? 
_refine.pdbx_data_cutoff_high_rms_absF           ? 
_refine.pdbx_data_cutoff_low_absF                ? 
_refine.pdbx_isotropic_thermal_model             ? 
_refine.pdbx_ls_cross_valid_method               'FREE R-VALUE' 
_refine.pdbx_method_to_determine_struct          'MOLECULAR REPLACEMENT' 
_refine.pdbx_starting_model                      2cuo 
_refine.pdbx_stereochemistry_target_values       ? 
_refine.pdbx_R_Free_selection_details            ? 
_refine.pdbx_stereochem_target_val_spec_case     ? 
_refine.pdbx_overall_ESU_R                       0.084 
_refine.pdbx_overall_ESU_R_Free                  0.084 
_refine.pdbx_solvent_vdw_probe_radii             1.200 
_refine.pdbx_solvent_ion_probe_radii             0.800 
_refine.pdbx_solvent_shrinkage_radii             0.800 
_refine.pdbx_real_space_R                        ? 
_refine.pdbx_density_correlation                 ? 
_refine.pdbx_pd_number_of_powder_patterns        ? 
_refine.pdbx_pd_number_of_points                 ? 
_refine.pdbx_pd_meas_number_of_points            ? 
_refine.pdbx_pd_proc_ls_prof_R_factor            ? 
_refine.pdbx_pd_proc_ls_prof_wR_factor           ? 
_refine.pdbx_pd_Marquardt_correlation_coeff      ? 
_refine.pdbx_pd_Fsqrd_R_factor                   ? 
_refine.pdbx_pd_ls_matrix_band_width             ? 
_refine.pdbx_overall_phase_error                 ? 
_refine.pdbx_overall_SU_R_free_Cruickshank_DPI   ? 
_refine.pdbx_overall_SU_R_free_Blow_DPI          ? 
_refine.pdbx_overall_SU_R_Blow_DPI               ? 
_refine.pdbx_TLS_residual_ADP_flag               ? 
_refine.pdbx_diffrn_id                           1 
_refine.overall_SU_B                             1.114 
_refine.overall_SU_ML                            0.044 
_refine.overall_SU_R_Cruickshank_DPI             ? 
_refine.overall_SU_R_free                        ? 
_refine.overall_FOM_free_R_set                   ? 
_refine.overall_FOM_work_R_set                   ? 
_refine.pdbx_average_fsc_overall                 ? 
_refine.pdbx_average_fsc_work                    ? 
_refine.pdbx_average_fsc_free                    ? 
# 
_refine_hist.pdbx_refine_id                   'X-RAY DIFFRACTION' 
_refine_hist.cycle_id                         LAST 
_refine_hist.details                          ? 
_refine_hist.d_res_high                       1.500 
_refine_hist.d_res_low                        20.755 
_refine_hist.number_atoms_solvent             78 
_refine_hist.number_atoms_total               572 
_refine_hist.number_reflns_all                ? 
_refine_hist.number_reflns_obs                ? 
_refine_hist.number_reflns_R_free             ? 
_refine_hist.number_reflns_R_work             ? 
_refine_hist.R_factor_all                     ? 
_refine_hist.R_factor_obs                     ? 
_refine_hist.R_factor_R_free                  ? 
_refine_hist.R_factor_R_work                  ? 
_refine_hist.pdbx_number_residues_total       ? 
_refine_hist.pdbx_B_iso_mean_ligand           ? 
_refine_hist.pdbx_B_iso_mean_solvent          ? 
_refine_hist.pdbx_number_atoms_protein        494 
_refine_hist.pdbx_number_atoms_nucleic_acid   0 
_refine_hist.pdbx_number_atoms_ligand         0 
_refine_hist.pdbx_number_atoms_lipid          ? 
_refine_hist.pdbx_number_atoms_carb           ? 
_refine_hist.pdbx_pseudo_atom_details         ? 
# 
loop_
_refine_ls_restr.pdbx_refine_id 
_refine_ls_restr.criterion 
_refine_ls_restr.dev_ideal 
_refine_ls_restr.dev_ideal_target 
_refine_ls_restr.number 
_refine_ls_restr.rejects 
_refine_ls_restr.type 
_refine_ls_restr.weight 
_refine_ls_restr.pdbx_restraint_function 
'X-RAY DIFFRACTION' ? 0.013  0.012  531  ? r_bond_refined_d               ? ? 
'X-RAY DIFFRACTION' ? 0.001  0.017  431  ? r_bond_other_d                 ? ? 
'X-RAY DIFFRACTION' ? 1.694  1.758  753  ? r_angle_refined_deg            ? ? 
'X-RAY DIFFRACTION' ? 1.051  1.562  1075 ? r_angle_other_deg              ? ? 
'X-RAY DIFFRACTION' ? 7.677  5.000  77   ? r_dihedral_angle_1_deg         ? ? 
'X-RAY DIFFRACTION' ? 20.258 30.000 6    ? r_dihedral_angle_2_deg         ? ? 
'X-RAY DIFFRACTION' ? 9.334  15.000 28   ? r_dihedral_angle_3_deg         ? ? 
'X-RAY DIFFRACTION' ? 0.066  0.200  69   ? r_chiral_restr                 ? ? 
'X-RAY DIFFRACTION' ? 0.004  0.200  1    ? r_chiral_restr_other           ? ? 
'X-RAY DIFFRACTION' ? 0.009  0.020  620  ? r_gen_planes_refined           ? ? 
'X-RAY DIFFRACTION' ? 0.000  0.020  48   ? r_gen_planes_other             ? ? 
'X-RAY DIFFRACTION' ? 0.210  0.200  187  ? r_nbd_refined                  ? ? 
'X-RAY DIFFRACTION' ? 0.185  0.200  376  ? r_symmetry_nbd_other           ? ? 
'X-RAY DIFFRACTION' ? 0.170  0.200  294  ? r_nbtor_refined                ? ? 
'X-RAY DIFFRACTION' ? 0.090  0.200  159  ? r_symmetry_nbtor_other         ? ? 
'X-RAY DIFFRACTION' ? 0.203  0.200  42   ? r_xyhbond_nbd_refined          ? ? 
'X-RAY DIFFRACTION' ? 0.182  0.200  6    ? r_symmetry_nbd_refined         ? ? 
'X-RAY DIFFRACTION' ? 0.202  0.200  34   ? r_nbd_other                    ? ? 
'X-RAY DIFFRACTION' ? 0.252  0.200  23   ? r_symmetry_xyhbond_nbd_refined ? ? 
'X-RAY DIFFRACTION' ? 2.254  1.984  311  ? r_mcbond_it                    ? ? 
'X-RAY DIFFRACTION' ? 2.220  1.982  309  ? r_mcbond_other                 ? ? 
'X-RAY DIFFRACTION' ? 3.719  2.924  384  ? r_mcangle_it                   ? ? 
'X-RAY DIFFRACTION' ? 3.705  2.922  384  ? r_mcangle_other                ? ? 
'X-RAY DIFFRACTION' ? 2.801  2.437  220  ? r_scbond_it                    ? ? 
'X-RAY DIFFRACTION' ? 2.745  2.432  220  ? r_scbond_other                 ? ? 
'X-RAY DIFFRACTION' ? 4.064  3.551  368  ? r_scangle_it                   ? ? 
'X-RAY DIFFRACTION' ? 4.055  3.548  368  ? r_scangle_other                ? ? 
'X-RAY DIFFRACTION' ? 5.594  29.273 632  ? r_lrange_it                    ? ? 
'X-RAY DIFFRACTION' ? 5.540  29.182 614  ? r_lrange_other                 ? ? 
# 
loop_
_refine_ls_shell.pdbx_refine_id 
_refine_ls_shell.d_res_high 
_refine_ls_shell.d_res_low 
_refine_ls_shell.number_reflns_all 
_refine_ls_shell.number_reflns_obs 
_refine_ls_shell.number_reflns_R_free 
_refine_ls_shell.number_reflns_R_work 
_refine_ls_shell.percent_reflns_obs 
_refine_ls_shell.percent_reflns_R_free 
_refine_ls_shell.R_factor_all 
_refine_ls_shell.R_factor_obs 
_refine_ls_shell.R_factor_R_free 
_refine_ls_shell.R_factor_R_free_error 
_refine_ls_shell.R_factor_R_work 
_refine_ls_shell.redundancy_reflns_all 
_refine_ls_shell.redundancy_reflns_obs 
_refine_ls_shell.wR_factor_all 
_refine_ls_shell.wR_factor_obs 
_refine_ls_shell.wR_factor_R_free 
_refine_ls_shell.wR_factor_R_work 
_refine_ls_shell.pdbx_R_complete 
_refine_ls_shell.pdbx_total_number_of_bins_used 
_refine_ls_shell.pdbx_phase_error 
_refine_ls_shell.pdbx_fsc_work 
_refine_ls_shell.pdbx_fsc_free 
'X-RAY DIFFRACTION' 1.500 1.539  . . 35 529 94.0000  . . . 0.272 . 0.172 . . . . . . . . . . . 
'X-RAY DIFFRACTION' 1.539 1.581  . . 28 515 89.1626  . . . 0.222 . 0.184 . . . . . . . . . . . 
'X-RAY DIFFRACTION' 1.581 1.627  . . 24 529 98.9267  . . . 0.173 . 0.163 . . . . . . . . . . . 
'X-RAY DIFFRACTION' 1.627 1.677  . . 21 530 97.5221  . . . 0.182 . 0.150 . . . . . . . . . . . 
'X-RAY DIFFRACTION' 1.677 1.732  . . 23 485 93.3824  . . . 0.137 . 0.151 . . . . . . . . . . . 
'X-RAY DIFFRACTION' 1.732 1.793  . . 22 489 94.8052  . . . 0.187 . 0.164 . . . . . . . . . . . 
'X-RAY DIFFRACTION' 1.793 1.860  . . 31 445 99.5816  . . . 0.186 . 0.149 . . . . . . . . . . . 
'X-RAY DIFFRACTION' 1.860 1.936  . . 10 514 97.7612  . . . 0.296 . 0.160 . . . . . . . . . . . 
'X-RAY DIFFRACTION' 1.936 2.022  . . 8  405 93.8636  . . . 0.187 . 0.152 . . . . . . . . . . . 
'X-RAY DIFFRACTION' 2.022 2.121  . . 13 437 99.7783  . . . 0.096 . 0.145 . . . . . . . . . . . 
'X-RAY DIFFRACTION' 2.121 2.236  . . 21 413 97.9684  . . . 0.203 . 0.148 . . . . . . . . . . . 
'X-RAY DIFFRACTION' 2.236 2.371  . . 17 369 97.4747  . . . 0.144 . 0.147 . . . . . . . . . . . 
'X-RAY DIFFRACTION' 2.371 2.535  . . 24 371 99.7475  . . . 0.178 . 0.177 . . . . . . . . . . . 
'X-RAY DIFFRACTION' 2.535 2.738  . . 14 334 96.3989  . . . 0.268 . 0.167 . . . . . . . . . . . 
'X-RAY DIFFRACTION' 2.738 2.999  . . 23 303 99.6942  . . . 0.206 . 0.185 . . . . . . . . . . . 
'X-RAY DIFFRACTION' 2.999 3.352  . . 11 283 97.3510  . . . 0.204 . 0.178 . . . . . . . . . . . 
'X-RAY DIFFRACTION' 3.352 3.870  . . 19 265 99.6491  . . . 0.166 . 0.157 . . . . . . . . . . . 
'X-RAY DIFFRACTION' 3.870 4.737  . . 13 208 99.1031  . . . 0.179 . 0.156 . . . . . . . . . . . 
'X-RAY DIFFRACTION' 4.737 6.688  . . 11 173 100.0000 . . . 0.244 . 0.225 . . . . . . . . . . . 
'X-RAY DIFFRACTION' 6.688 20.755 . . 6  99  92.9203  . . . 0.581 . 0.339 . . . . . . . . . . . 
# 
_struct.entry_id                     7XAN 
_struct.title                        'Structure of a triple-helix region of human collagen type III from Trautec' 
_struct.pdbx_model_details           ? 
_struct.pdbx_formula_weight          ? 
_struct.pdbx_formula_weight_method   ? 
_struct.pdbx_model_type_details      ? 
_struct.pdbx_CASP_flag               N 
# 
_struct_keywords.entry_id        7XAN 
_struct_keywords.text            'Human collagen type III, Triple-helix region, Integrin recognition motif, STRUCTURAL PROTEIN' 
_struct_keywords.pdbx_keywords   'STRUCTURAL PROTEIN' 
# 
loop_
_struct_asym.id 
_struct_asym.pdbx_blank_PDB_chainid_flag 
_struct_asym.pdbx_modified 
_struct_asym.entity_id 
_struct_asym.details 
A N N 1 ? 
B N N 1 ? 
C N N 1 ? 
D N N 2 ? 
E N N 2 ? 
F N N 2 ? 
# 
loop_
_struct_conn.id 
_struct_conn.conn_type_id 
_struct_conn.pdbx_leaving_atom_flag 
_struct_conn.pdbx_PDB_id 
_struct_conn.ptnr1_label_asym_id 
_struct_conn.ptnr1_label_comp_id 
_struct_conn.ptnr1_label_seq_id 
_struct_conn.ptnr1_label_atom_id 
_struct_conn.pdbx_ptnr1_label_alt_id 
_struct_conn.pdbx_ptnr1_PDB_ins_code 
_struct_conn.pdbx_ptnr1_standard_comp_id 
_struct_conn.ptnr1_symmetry 
_struct_conn.ptnr2_label_asym_id 
_struct_conn.ptnr2_label_comp_id 
_struct_conn.ptnr2_label_seq_id 
_struct_conn.ptnr2_label_atom_id 
_struct_conn.pdbx_ptnr2_label_alt_id 
_struct_conn.pdbx_ptnr2_PDB_ins_code 
_struct_conn.ptnr1_auth_asym_id 
_struct_conn.ptnr1_auth_comp_id 
_struct_conn.ptnr1_auth_seq_id 
_struct_conn.ptnr2_auth_asym_id 
_struct_conn.ptnr2_auth_comp_id 
_struct_conn.ptnr2_auth_seq_id 
_struct_conn.ptnr2_symmetry 
_struct_conn.pdbx_ptnr3_label_atom_id 
_struct_conn.pdbx_ptnr3_label_seq_id 
_struct_conn.pdbx_ptnr3_label_comp_id 
_struct_conn.pdbx_ptnr3_label_asym_id 
_struct_conn.pdbx_ptnr3_label_alt_id 
_struct_conn.pdbx_ptnr3_PDB_ins_code 
_struct_conn.details 
_struct_conn.pdbx_dist_value 
_struct_conn.pdbx_value_order 
_struct_conn.pdbx_role 
covale1  covale both ? A HYP 2  C ? ? ? 1_555 A GLY 3  N ? ? A HYP 2  A GLY 3  1_555 ? ? ? ? ? ? ? 1.334 ? ? 
covale2  covale both ? A PRO 4  C ? ? ? 1_555 A HYP 5  N ? ? A PRO 4  A HYP 5  1_555 ? ? ? ? ? ? ? 1.352 ? ? 
covale3  covale both ? A HYP 5  C ? ? ? 1_555 A GLY 6  N ? ? A HYP 5  A GLY 6  1_555 ? ? ? ? ? ? ? 1.335 ? ? 
covale4  covale both ? A PRO 7  C ? ? ? 1_555 A HYP 8  N ? ? A PRO 7  A HYP 8  1_555 ? ? ? ? ? ? ? 1.359 ? ? 
covale5  covale both ? A HYP 8  C ? ? ? 1_555 A GLY 9  N ? ? A HYP 8  A GLY 9  1_555 ? ? ? ? ? ? ? 1.337 ? ? 
covale6  covale both ? A PRO 19 C ? ? ? 1_555 A HYP 20 N ? ? A PRO 19 A HYP 20 1_555 ? ? ? ? ? ? ? 1.340 ? ? 
covale7  covale both ? A HYP 20 C ? ? ? 1_555 A GLY 21 N ? ? A HYP 20 A GLY 21 1_555 ? ? ? ? ? ? ? 1.333 ? ? 
covale8  covale both ? A PRO 22 C ? ? ? 1_555 A HYP 23 N ? ? A PRO 22 A HYP 23 1_555 ? ? ? ? ? ? ? 1.335 ? ? 
covale9  covale both ? A HYP 23 C ? ? ? 1_555 A GLY 24 N ? ? A HYP 23 A GLY 24 1_555 ? ? ? ? ? ? ? 1.325 ? ? 
covale10 covale both ? A PRO 25 C ? ? ? 1_555 A HYP 26 N ? ? A PRO 25 A HYP 26 1_555 ? ? ? ? ? ? ? 1.353 ? ? 
covale11 covale both ? A HYP 26 C ? ? ? 1_555 A GLY 27 N ? ? A HYP 26 A GLY 27 1_555 ? ? ? ? ? ? ? 1.331 ? ? 
covale12 covale both ? B PRO 1  C ? ? ? 1_555 B HYP 2  N ? ? B PRO 1  B HYP 2  1_555 ? ? ? ? ? ? ? 1.355 ? ? 
covale13 covale both ? B HYP 2  C ? ? ? 1_555 B GLY 3  N ? ? B HYP 2  B GLY 3  1_555 ? ? ? ? ? ? ? 1.339 ? ? 
covale14 covale both ? B PRO 4  C ? ? ? 1_555 B HYP 5  N ? ? B PRO 4  B HYP 5  1_555 ? ? ? ? ? ? ? 1.360 ? ? 
covale15 covale both ? B HYP 5  C ? ? ? 1_555 B GLY 6  N ? ? B HYP 5  B GLY 6  1_555 ? ? ? ? ? ? ? 1.338 ? ? 
covale16 covale both ? B PRO 7  C ? ? ? 1_555 B HYP 8  N ? ? B PRO 7  B HYP 8  1_555 ? ? ? ? ? ? ? 1.352 ? ? 
covale17 covale both ? B HYP 8  C ? ? ? 1_555 B GLY 9  N ? ? B HYP 8  B GLY 9  1_555 ? ? ? ? ? ? ? 1.335 ? ? 
covale18 covale both ? B PRO 19 C ? ? ? 1_555 B HYP 20 N ? ? B PRO 19 B HYP 20 1_555 ? ? ? ? ? ? ? 1.350 ? ? 
covale19 covale both ? B HYP 20 C ? ? ? 1_555 B GLY 21 N ? ? B HYP 20 B GLY 21 1_555 ? ? ? ? ? ? ? 1.337 ? ? 
covale20 covale both ? B PRO 22 C ? ? ? 1_555 B HYP 23 N ? ? B PRO 22 B HYP 23 1_555 ? ? ? ? ? ? ? 1.325 ? ? 
covale21 covale both ? B HYP 23 C ? ? ? 1_555 B GLY 24 N ? ? B HYP 23 B GLY 24 1_555 ? ? ? ? ? ? ? 1.348 ? ? 
covale22 covale both ? B PRO 25 C ? ? ? 1_555 B HYP 26 N ? ? B PRO 25 B HYP 26 1_555 ? ? ? ? ? ? ? 1.346 ? ? 
covale23 covale both ? B HYP 26 C ? ? ? 1_555 B GLY 27 N ? ? B HYP 26 B GLY 27 1_555 ? ? ? ? ? ? ? 1.348 ? ? 
covale24 covale both ? C PRO 4  C ? ? ? 1_555 C HYP 5  N ? ? C PRO 4  C HYP 5  1_555 ? ? ? ? ? ? ? 1.357 ? ? 
covale25 covale both ? C HYP 5  C ? ? ? 1_555 C GLY 6  N ? ? C HYP 5  C GLY 6  1_555 ? ? ? ? ? ? ? 1.333 ? ? 
covale26 covale both ? C PRO 7  C ? ? ? 1_555 C HYP 8  N ? ? C PRO 7  C HYP 8  1_555 ? ? ? ? ? ? ? 1.355 ? ? 
covale27 covale both ? C HYP 8  C ? ? ? 1_555 C GLY 9  N ? ? C HYP 8  C GLY 9  1_555 ? ? ? ? ? ? ? 1.335 ? ? 
covale28 covale both ? C PRO 19 C ? ? ? 1_555 C HYP 20 N ? ? C PRO 19 C HYP 20 1_555 ? ? ? ? ? ? ? 1.339 ? ? 
covale29 covale both ? C HYP 20 C ? ? ? 1_555 C GLY 21 N ? ? C HYP 20 C GLY 21 1_555 ? ? ? ? ? ? ? 1.318 ? ? 
covale30 covale both ? C PRO 22 C ? ? ? 1_555 C HYP 23 N ? ? C PRO 22 C HYP 23 1_555 ? ? ? ? ? ? ? 1.339 ? ? 
covale31 covale both ? C HYP 23 C ? ? ? 1_555 C GLY 24 N ? ? C HYP 23 C GLY 24 1_555 ? ? ? ? ? ? ? 1.325 ? ? 
covale32 covale both ? C PRO 25 C ? ? ? 1_555 C HYP 26 N ? ? C PRO 25 C HYP 26 1_555 ? ? ? ? ? ? ? 1.350 ? ? 
covale33 covale both ? C HYP 26 C ? ? ? 1_555 C GLY 27 N ? ? C HYP 26 C GLY 27 1_555 ? ? ? ? ? ? ? 1.337 ? ? 
# 
_struct_conn_type.id          covale 
_struct_conn_type.criteria    ? 
_struct_conn_type.reference   ? 
# 
_atom_sites.entry_id                    7XAN 
_atom_sites.Cartn_transf_matrix[1][1]   ? 
_atom_sites.Cartn_transf_matrix[1][2]   ? 
_atom_sites.Cartn_transf_matrix[1][3]   ? 
_atom_sites.Cartn_transf_matrix[2][1]   ? 
_atom_sites.Cartn_transf_matrix[2][2]   ? 
_atom_sites.Cartn_transf_matrix[2][3]   ? 
_atom_sites.Cartn_transf_matrix[3][1]   ? 
_atom_sites.Cartn_transf_matrix[3][2]   ? 
_atom_sites.Cartn_transf_matrix[3][3]   ? 
_atom_sites.Cartn_transf_vector[1]      ? 
_atom_sites.Cartn_transf_vector[2]      ? 
_atom_sites.Cartn_transf_vector[3]      ? 
_atom_sites.fract_transf_matrix[1][1]   -0.01523379 
_atom_sites.fract_transf_matrix[1][2]   -0.06062293 
_atom_sites.fract_transf_matrix[1][3]   0.01116179 
_atom_sites.fract_transf_matrix[2][1]   0.02307966 
_atom_sites.fract_transf_matrix[2][2]   -0.01387009 
_atom_sites.fract_transf_matrix[2][3]   -0.04383300 
_atom_sites.fract_transf_matrix[3][1]   0.01016222 
_atom_sites.fract_transf_matrix[3][2]   -0.00226636 
_atom_sites.fract_transf_matrix[3][3]   0.00606792 
_atom_sites.fract_transf_vector[1]      0.046679 
_atom_sites.fract_transf_vector[2]      0.182330 
_atom_sites.fract_transf_vector[3]      -0.191116 
_atom_sites.solution_primary            ? 
_atom_sites.solution_secondary          ? 
_atom_sites.solution_hydrogens          ? 
_atom_sites.special_details             ? 
# 
loop_
_atom_type.symbol 
_atom_type.pdbx_scat_Z 
_atom_type.pdbx_N_electrons 
_atom_type.scat_Cromer_Mann_a1 
_atom_type.scat_Cromer_Mann_b1 
_atom_type.scat_Cromer_Mann_a2 
_atom_type.scat_Cromer_Mann_b2 
_atom_type.scat_Cromer_Mann_a3 
_atom_type.scat_Cromer_Mann_b3 
_atom_type.scat_Cromer_Mann_a4 
_atom_type.scat_Cromer_Mann_b4 
C 6 6 2.310  20.844 1.020 10.208 1.589 0.569  0.865 51.651 
H 1 1 0.493  10.511 0.323 26.126 0.140 3.142  0.041 57.800 
N 7 7 12.222 0.006  3.135 9.893  2.014 28.997 1.167 0.583  
O 8 8 3.049  13.277 2.287 5.701  1.546 0.324  0.867 32.909 
# 
loop_
_atom_site.group_PDB 
_atom_site.id 
_atom_site.type_symbol 
_atom_site.label_atom_id 
_atom_site.label_alt_id 
_atom_site.label_comp_id 
_atom_site.label_asym_id 
_atom_site.label_entity_id 
_atom_site.label_seq_id 
_atom_site.pdbx_PDB_ins_code 
_atom_site.Cartn_x 
_atom_site.Cartn_y 
_atom_site.Cartn_z 
_atom_site.occupancy 
_atom_site.B_iso_or_equiv 
_atom_site.pdbx_formal_charge 
_atom_site.auth_seq_id 
_atom_site.auth_comp_id 
_atom_site.auth_asym_id 
_atom_site.auth_atom_id 
_atom_site.pdbx_PDB_model_num 
_atom_site.calc_flag 
HETATM 1   N N   . HYP A 1 2  ? -25.150 15.036  -15.900 1.000 49.369 0 2   HYP A N   1 ? 
HETATM 2   C CA  . HYP A 1 2  ? -24.485 13.779  -16.252 1.000 46.673 0 2   HYP A CA  1 ? 
HETATM 3   C C   . HYP A 1 2  ? -24.872 12.636  -15.318 1.000 43.893 0 2   HYP A C   1 ? 
HETATM 4   O O   . HYP A 1 2  ? -25.622 12.828  -14.362 1.000 45.207 0 2   HYP A O   1 ? 
HETATM 5   C CB  . HYP A 1 2  ? -23.000 14.111  -16.069 1.000 50.722 0 2   HYP A CB  1 ? 
HETATM 6   C CG  . HYP A 1 2  ? -22.873 15.613  -16.309 1.000 52.951 0 2   HYP A CG  1 ? 
HETATM 7   C CD  . HYP A 1 2  ? -24.295 16.155  -16.321 1.000 48.868 0 2   HYP A CD  1 ? 
HETATM 8   O OD1 . HYP A 1 2  ? -22.238 15.837  -17.562 1.000 53.423 0 2   HYP A OD1 1 ? 
ATOM   9   N N   . GLY A 1 3  ? -24.331 11.444  -15.575 1.000 38.226 0 3   GLY A N   1 ? 
ATOM   10  C CA  . GLY A 1 3  ? -24.427 10.373  -14.598 1.000 38.259 0 3   GLY A CA  1 ? 
ATOM   11  C C   . GLY A 1 3  ? -23.703 10.750  -13.303 1.000 37.303 0 3   GLY A C   1 ? 
ATOM   12  O O   . GLY A 1 3  ? -22.884 11.669  -13.275 1.000 37.262 0 3   GLY A O   1 ? 
ATOM   13  N N   . PRO A 1 4  ? -23.998 10.078  -12.174 1.000 36.874 0 4   PRO A N   1 ? 
ATOM   14  C CA  . PRO A 1 4  ? -23.277 10.350  -10.930 1.000 37.892 0 4   PRO A CA  1 ? 
ATOM   15  C C   . PRO A 1 4  ? -21.856 9.787   -11.014 1.000 37.033 0 4   PRO A C   1 ? 
ATOM   16  O O   . PRO A 1 4  ? -21.603 8.853   -11.775 1.000 31.161 0 4   PRO A O   1 ? 
ATOM   17  C CB  . PRO A 1 4  ? -24.144 9.622   -9.889  1.000 38.744 0 4   PRO A CB  1 ? 
ATOM   18  C CG  . PRO A 1 4  ? -24.691 8.444   -10.654 1.000 40.952 0 4   PRO A CG  1 ? 
ATOM   19  C CD  . PRO A 1 4  ? -24.969 8.980   -12.046 1.000 38.591 0 4   PRO A CD  1 ? 
HETATM 20  N N   . HYP A 1 5  ? -20.883 10.312  -10.235 1.000 37.184 0 5   HYP A N   1 ? 
HETATM 21  C CA  . HYP A 1 5  ? -19.540 9.735   -10.251 1.000 36.456 0 5   HYP A CA  1 ? 
HETATM 22  C C   . HYP A 1 5  ? -19.599 8.238   -9.979  1.000 33.846 0 5   HYP A C   1 ? 
HETATM 23  O O   . HYP A 1 5  ? -20.507 7.733   -9.314  1.000 36.816 0 5   HYP A O   1 ? 
HETATM 24  C CB  . HYP A 1 5  ? -18.820 10.483  -9.129  1.000 37.969 0 5   HYP A CB  1 ? 
HETATM 25  C CG  . HYP A 1 5  ? -19.545 11.816  -9.051  1.000 38.232 0 5   HYP A CG  1 ? 
HETATM 26  C CD  . HYP A 1 5  ? -20.993 11.462  -9.322  1.000 38.813 0 5   HYP A CD  1 ? 
HETATM 27  O OD1 . HYP A 1 5  ? -19.029 12.689  -10.048 1.000 43.722 0 5   HYP A OD1 1 ? 
ATOM   28  N N   . GLY A 1 6  ? -18.595 7.521   -10.490 1.000 29.094 0 6   GLY A N   1 ? 
ATOM   29  C CA  . GLY A 1 6  ? -18.493 6.105   -10.212 1.000 30.789 0 6   GLY A CA  1 ? 
ATOM   30  C C   . GLY A 1 6  ? -18.044 5.841   -8.769  1.000 31.761 0 6   GLY A C   1 ? 
ATOM   31  O O   . GLY A 1 6  ? -17.688 6.749   -8.005  1.000 32.457 0 6   GLY A O   1 ? 
ATOM   32  N N   . PRO A 1 7  ? -18.001 4.561   -8.374  1.000 32.915 0 7   PRO A N   1 ? 
ATOM   33  C CA  . PRO A 1 7  ? -17.584 4.193   -7.022  1.000 37.621 0 7   PRO A CA  1 ? 
ATOM   34  C C   . PRO A 1 7  ? -16.104 4.487   -6.779  1.000 39.951 0 7   PRO A C   1 ? 
ATOM   35  O O   . PRO A 1 7  ? -15.304 4.370   -7.707  1.000 35.270 0 7   PRO A O   1 ? 
ATOM   36  C CB  . PRO A 1 7  ? -17.866 2.683   -6.992  1.000 37.636 0 7   PRO A CB  1 ? 
ATOM   37  C CG  . PRO A 1 7  ? -17.703 2.240   -8.417  1.000 36.431 0 7   PRO A CG  1 ? 
ATOM   38  C CD  . PRO A 1 7  ? -18.233 3.394   -9.241  1.000 34.502 0 7   PRO A CD  1 ? 
HETATM 39  N N   . HYP A 1 8  ? -15.703 4.866   -5.537  1.000 40.703 0 8   HYP A N   1 ? 
HETATM 40  C CA  . HYP A 1 8  ? -14.288 4.960   -5.170  1.000 38.753 0 8   HYP A CA  1 ? 
HETATM 41  C C   . HYP A 1 8  ? -13.449 3.775   -5.634  1.000 31.115 0 8   HYP A C   1 ? 
HETATM 42  O O   . HYP A 1 8  ? -13.924 2.646   -5.676  1.000 29.531 0 8   HYP A O   1 ? 
HETATM 43  C CB  . HYP A 1 8  ? -14.349 4.958   -3.634  1.000 40.382 0 8   HYP A CB  1 ? 
HETATM 44  C CG  . HYP A 1 8  ? -15.629 5.715   -3.336  1.000 41.955 0 8   HYP A CG  1 ? 
HETATM 45  C CD  . HYP A 1 8  ? -16.590 5.224   -4.411  1.000 42.890 0 8   HYP A CD  1 ? 
HETATM 46  O OD1 . HYP A 1 8  ? -15.333 7.099   -3.444  1.000 48.591 0 8   HYP A OD1 1 ? 
ATOM   47  N N   . GLY A 1 9  ? -12.177 4.046   -5.942  1.000 27.295 0 9   GLY A N   1 ? 
ATOM   48  C CA  . GLY A 1 9  ? -11.271 2.991   -6.369  1.000 25.539 0 9   GLY A CA  1 ? 
ATOM   49  C C   . GLY A 1 9  ? -10.960 2.023   -5.234  1.000 23.100 0 9   GLY A C   1 ? 
ATOM   50  O O   . GLY A 1 9  ? -11.136 2.409   -4.059  1.000 22.476 0 9   GLY A O   1 ? 
ATOM   51  N N   . GLU A 1 10 ? -10.581 0.787   -5.576  1.000 21.784 0 10  GLU A N   1 ? 
ATOM   52  C CA  . GLU A 1 10 ? -10.033 -0.223  -4.617  1.000 23.672 0 10  GLU A CA  1 ? 
ATOM   53  C C   . GLU A 1 10 ? -8.847  0.348   -3.831  1.000 21.077 0 10  GLU A C   1 ? 
ATOM   54  O O   . GLU A 1 10 ? -8.086  1.141   -4.374  1.000 18.776 0 10  GLU A O   1 ? 
ATOM   55  C CB  . GLU A 1 10 ? -9.507  -1.452  -5.350  1.000 28.119 0 10  GLU A CB  1 ? 
ATOM   56  C CG  . GLU A 1 10 ? -10.582 -2.369  -5.887  1.000 36.473 0 10  GLU A CG  1 ? 
ATOM   57  C CD  . GLU A 1 10 ? -10.021 -3.683  -6.413  1.000 45.178 0 10  GLU A CD  1 ? 
ATOM   58  O OE1 . GLU A 1 10 ? -8.765  -3.829  -6.436  1.000 47.307 0 10  GLU A OE1 1 ? 
ATOM   59  O OE2 . GLU A 1 10 ? -10.836 -4.562  -6.803  1.000 60.192 0 10  GLU A OE2 1 ? 
ATOM   60  N N   . LYS A 1 11 ? -8.679  -0.081  -2.581  1.000 18.340 0 11  LYS A N   1 ? 
ATOM   61  C CA  . LYS A 1 11 ? -7.479  0.323   -1.808  1.000 18.056 0 11  LYS A CA  1 ? 
ATOM   62  C C   . LYS A 1 11 ? -6.268  -0.272  -2.517  1.000 15.772 0 11  LYS A C   1 ? 
ATOM   63  O O   . LYS A 1 11 ? -6.354  -1.365  -3.089  1.000 15.056 0 11  LYS A O   1 ? 
ATOM   64  C CB  . LYS A 1 11 ? -7.554  -0.145  -0.359  1.000 19.467 0 11  LYS A CB  1 ? 
ATOM   65  C CG  . LYS A 1 11 ? -6.423  0.310   0.552   1.000 21.616 0 11  LYS A CG  1 ? 
ATOM   66  C CD  . LYS A 1 11 ? -6.654  -0.201  1.959   1.000 24.084 0 11  LYS A CD  1 ? 
ATOM   67  C CE  . LYS A 1 11 ? -5.508  0.076   2.897   1.000 27.500 0 11  LYS A CE  1 ? 
ATOM   68  N NZ  . LYS A 1 11 ? -5.434  1.511   3.228   1.000 31.056 0 11  LYS A NZ  1 ? 
ATOM   69  N N   . GLY A 1 12 ? -5.151  0.457   -2.427  1.000 12.416 0 12  GLY A N   1 ? 
ATOM   70  C CA  . GLY A 1 12 ? -3.878  0.011   -2.985  1.000 11.915 0 12  GLY A CA  1 ? 
ATOM   71  C C   . GLY A 1 12 ? -3.400  -1.282  -2.333  1.000 11.985 0 12  GLY A C   1 ? 
ATOM   72  O O   . GLY A 1 12 ? -3.777  -1.564  -1.156  1.000 13.432 0 12  GLY A O   1 ? 
ATOM   73  N N   . SER A 1 13 ? -2.476  -1.943  -3.016  1.000 11.064 0 13  SER A N   1 ? 
ATOM   74  C CA  . SER A 1 13 ? -1.803  -3.149  -2.500  1.000 12.881 0 13  SER A CA  1 ? 
ATOM   75  C C   . SER A 1 13 ? -1.011  -2.762  -1.260  1.000 10.652 0 13  SER A C   1 ? 
ATOM   76  O O   . SER A 1 13 ? -0.392  -1.692  -1.188  1.000 10.576 0 13  SER A O   1 ? 
ATOM   77  C CB  . SER A 1 13 ? -0.901  -3.734  -3.524  1.000 13.849 0 13  SER A CB  1 ? 
ATOM   78  O OG  . SER A 1 13 ? -1.626  -4.173  -4.664  1.000 19.177 0 13  SER A OG  1 ? 
ATOM   79  N N   . PRO A 1 14 ? -0.990  -3.643  -0.251  1.000 11.017 0 14  PRO A N   1 ? 
ATOM   80  C CA  . PRO A 1 14 ? -0.143  -3.439  0.905   1.000 10.728 0 14  PRO A CA  1 ? 
ATOM   81  C C   . PRO A 1 14 ? 1.335   -3.423  0.478   1.000 9.544  0 14  PRO A C   1 ? 
ATOM   82  O O   . PRO A 1 14 ? 1.728   -4.094  -0.449  1.000 9.170  0 14  PRO A O   1 ? 
ATOM   83  C CB  . PRO A 1 14 ? -0.384  -4.689  1.743   1.000 12.291 0 14  PRO A CB  1 ? 
ATOM   84  C CG  . PRO A 1 14 ? -0.777  -5.736  0.708   1.000 16.015 0 14  PRO A CG  1 ? 
ATOM   85  C CD  . PRO A 1 14 ? -1.606  -4.983  -0.304  1.000 13.772 0 14  PRO A CD  1 ? 
ATOM   86  N N   . GLY A 1 15 ? 2.164   -2.646  1.179   1.000 7.538  0 15  GLY A N   1 ? 
ATOM   87  C CA  . GLY A 1 15 ? 3.590   -2.618  0.921   1.000 7.047  0 15  GLY A CA  1 ? 
ATOM   88  C C   . GLY A 1 15 ? 4.199   -3.951  1.331   1.000 6.379  0 15  GLY A C   1 ? 
ATOM   89  O O   . GLY A 1 15 ? 3.710   -4.602  2.259   1.000 7.588  0 15  GLY A O   1 ? 
ATOM   90  N N   . ALA A 1 16 ? 5.328   -4.278  0.730   1.000 5.975  0 16  ALA A N   1 ? 
ATOM   91  C CA  . ALA A 1 16 ? 6.147   -5.425  1.134   1.000 5.719  0 16  ALA A CA  1 ? 
ATOM   92  C C   . ALA A 1 16 ? 6.746   -5.163  2.508   1.000 4.827  0 16  ALA A C   1 ? 
ATOM   93  O O   . ALA A 1 16 ? 6.972   -4.018  2.915   1.000 5.539  0 16  ALA A O   1 ? 
ATOM   94  C CB  . ALA A 1 16 ? 7.246   -5.695  0.153   1.000 6.319  0 16  ALA A CB  1 ? 
ATOM   95  N N   . GLN A 1 17 ? 7.032   -6.213  3.218   1.000 4.841  0 17  GLN A N   1 ? 
ATOM   96  C CA  . GLN A 1 17 ? 7.831   -6.177  4.444   1.000 4.985  0 17  GLN A CA  1 ? 
ATOM   97  C C   . GLN A 1 17 ? 9.212   -5.613  4.135   1.000 4.751  0 17  GLN A C   1 ? 
ATOM   98  O O   . GLN A 1 17 ? 9.779   -5.834  3.055   1.000 5.014  0 17  GLN A O   1 ? 
ATOM   99  C CB  . GLN A 1 17 ? 7.902   -7.563  5.069   1.000 5.163  0 17  GLN A CB  1 ? 
ATOM   100 C CG  . GLN A 1 17 ? 8.664   -7.596  6.395   1.000 5.786  0 17  GLN A CG  1 ? 
ATOM   101 C CD  . GLN A 1 17 ? 8.478   -8.871  7.137   1.000 6.779  0 17  GLN A CD  1 ? 
ATOM   102 O OE1 . GLN A 1 17 ? 8.091   -9.844  6.481   1.000 9.237  0 17  GLN A OE1 1 ? 
ATOM   103 N NE2 . GLN A 1 17 ? 8.837   -8.897  8.409   1.000 5.873  0 17  GLN A NE2 1 ? 
ATOM   104 N N   . GLY A 1 18 ? 9.770   -4.869  5.083   1.000 4.623  0 18  GLY A N   1 ? 
ATOM   105 C CA  . GLY A 1 18 ? 11.141  -4.362  4.935   1.000 4.307  0 18  GLY A CA  1 ? 
ATOM   106 C C   . GLY A 1 18 ? 12.190  -5.470  4.933   1.000 4.748  0 18  GLY A C   1 ? 
ATOM   107 O O   . GLY A 1 18 ? 11.935  -6.624  5.312   1.000 5.176  0 18  GLY A O   1 ? 
ATOM   108 N N   . PRO A 1 19 ? 13.411  -5.139  4.558   1.000 4.617  0 19  PRO A N   1 ? 
ATOM   109 C CA  . PRO A 1 19 ? 14.505  -6.103  4.548   1.000 4.688  0 19  PRO A CA  1 ? 
ATOM   110 C C   . PRO A 1 19 ? 14.813  -6.584  5.951   1.000 5.265  0 19  PRO A C   1 ? 
ATOM   111 O O   . PRO A 1 19 ? 14.664  -5.869  6.926   1.000 4.682  0 19  PRO A O   1 ? 
ATOM   112 C CB  . PRO A 1 19 ? 15.674  -5.319  3.937   1.000 6.177  0 19  PRO A CB  1 ? 
ATOM   113 C CG  . PRO A 1 19 ? 15.177  -4.015  3.555   1.000 7.192  0 19  PRO A CG  1 ? 
ATOM   114 C CD  . PRO A 1 19 ? 13.822  -3.803  4.121   1.000 5.192  0 19  PRO A CD  1 ? 
HETATM 115 N N   . HYP A 1 20 ? 15.430  -7.768  6.075   1.000 5.232  0 20  HYP A N   1 ? 
HETATM 116 C CA  . HYP A 1 20 ? 16.040  -8.220  7.313   1.000 4.696  0 20  HYP A CA  1 ? 
HETATM 117 C C   . HYP A 1 20 ? 17.014  -7.177  7.828   1.000 4.745  0 20  HYP A C   1 ? 
HETATM 118 O O   . HYP A 1 20 ? 17.714  -6.518  7.062   1.000 5.402  0 20  HYP A O   1 ? 
HETATM 119 C CB  . HYP A 1 20 ? 16.768  -9.491  6.931   1.000 5.157  0 20  HYP A CB  1 ? 
HETATM 120 C CG  . HYP A 1 20 ? 15.935  -10.053 5.799   1.000 5.419  0 20  HYP A CG  1 ? 
HETATM 121 C CD  . HYP A 1 20 ? 15.554  -8.813  5.036   1.000 5.216  0 20  HYP A CD  1 ? 
HETATM 122 O OD1 . HYP A 1 20 ? 14.777  -10.662 6.325   1.000 5.859  0 20  HYP A OD1 1 ? 
ATOM   123 N N   . GLY A 1 21 ? 17.094  -7.037  9.151   1.000 5.209  0 21  GLY A N   1 ? 
ATOM   124 C CA  . GLY A 1 21 ? 18.083  -6.179  9.793   1.000 5.238  0 21  GLY A CA  1 ? 
ATOM   125 C C   . GLY A 1 21 ? 19.508  -6.676  9.668   1.000 5.390  0 21  GLY A C   1 ? 
ATOM   126 O O   . GLY A 1 21 ? 19.739  -7.793  9.219   1.000 6.153  0 21  GLY A O   1 ? 
ATOM   127 N N   . PRO A 1 22 ? 20.469  -5.821  10.058  1.000 5.935  0 22  PRO A N   1 ? 
ATOM   128 C CA  . PRO A 1 22 ? 21.865  -6.203  9.996   1.000 6.681  0 22  PRO A CA  1 ? 
ATOM   129 C C   . PRO A 1 22 ? 22.198  -7.332  10.937  1.000 6.707  0 22  PRO A C   1 ? 
ATOM   130 O O   . PRO A 1 22 ? 21.552  -7.512  11.979  1.000 6.249  0 22  PRO A O   1 ? 
ATOM   131 C CB  . PRO A 1 22 ? 22.588  -4.914  10.397  1.000 7.269  0 22  PRO A CB  1 ? 
ATOM   132 C CG  . PRO A 1 22 ? 21.603  -3.849  10.391  1.000 7.974  0 22  PRO A CG  1 ? 
ATOM   133 C CD  . PRO A 1 22 ? 20.256  -4.472  10.557  1.000 6.391  0 22  PRO A CD  1 ? 
HETATM 134 N N   . HYP A 1 23 ? 23.250  -8.099  10.641  1.000 7.085  0 23  HYP A N   1 ? 
HETATM 135 C CA  . HYP A 1 23 ? 23.801  -9.025  11.620  1.000 7.585  0 23  HYP A CA  1 ? 
HETATM 136 C C   . HYP A 1 23 ? 24.123  -8.335  12.922  1.000 7.944  0 23  HYP A C   1 ? 
HETATM 137 O O   . HYP A 1 23 ? 24.532  -7.150  12.953  1.000 9.196  0 23  HYP A O   1 ? 
HETATM 138 C CB  . HYP A 1 23 ? 25.056  -9.553  10.879  1.000 8.636  0 23  HYP A CB  1 ? 
HETATM 139 C CG  . HYP A 1 23 ? 24.727  -9.398  9.418   1.000 9.433  0 23  HYP A CG  1 ? 
HETATM 140 C CD  . HYP A 1 23 ? 24.039  -8.043  9.388   1.000 7.899  0 23  HYP A CD  1 ? 
HETATM 141 O OD1 . HYP A 1 23 ? 23.866  -10.455 9.049   1.000 11.101 0 23  HYP A OD1 1 ? 
ATOM   142 N N   . GLY A 1 24 ? 23.927  -9.050  14.020  1.000 9.033  0 24  GLY A N   1 ? 
ATOM   143 C CA  . GLY A 1 24 ? 24.216  -8.504  15.323  1.000 10.829 0 24  GLY A CA  1 ? 
ATOM   144 C C   . GLY A 1 24 ? 25.706  -8.346  15.566  1.000 12.515 0 24  GLY A C   1 ? 
ATOM   145 O O   . GLY A 1 24 ? 26.553  -8.774  14.773  1.000 12.844 0 24  GLY A O   1 ? 
ATOM   146 N N   . PRO A 1 25 ? 25.995  -7.702  16.719  1.000 15.526 0 25  PRO A N   1 ? 
ATOM   147 C CA  . PRO A 1 25 ? 27.379  -7.457  17.127  1.000 17.646 0 25  PRO A CA  1 ? 
ATOM   148 C C   . PRO A 1 25 ? 28.046  -8.748  17.585  1.000 19.347 0 25  PRO A C   1 ? 
ATOM   149 O O   . PRO A 1 25 ? 27.400  -9.726  17.910  1.000 18.016 0 25  PRO A O   1 ? 
ATOM   150 C CB  . PRO A 1 25 ? 27.239  -6.452  18.274  1.000 18.112 0 25  PRO A CB  1 ? 
ATOM   151 C CG  . PRO A 1 25 ? 25.790  -6.161  18.509  1.000 18.682 0 25  PRO A CG  1 ? 
ATOM   152 C CD  . PRO A 1 25 ? 25.018  -7.091  17.608  1.000 16.137 0 25  PRO A CD  1 ? 
HETATM 153 N N   . HYP A 1 26 ? 29.395  -8.805  17.661  1.000 21.354 0 26  HYP A N   1 ? 
HETATM 154 C CA  . HYP A 1 26 ? 30.084  -9.894  18.348  1.000 24.383 0 26  HYP A CA  1 ? 
HETATM 155 C C   . HYP A 1 26 ? 29.726  -9.952  19.832  1.000 24.449 0 26  HYP A C   1 ? 
HETATM 156 O O   . HYP A 1 26 ? 29.447  -8.918  20.428  1.000 26.897 0 26  HYP A O   1 ? 
HETATM 157 C CB  . HYP A 1 26 ? 31.560  -9.503  18.221  1.000 27.169 0 26  HYP A CB  1 ? 
HETATM 158 C CG  . HYP A 1 26 ? 31.569  -8.597  17.007  1.000 27.104 0 26  HYP A CG  1 ? 
HETATM 159 C CD  . HYP A 1 26 ? 30.315  -7.776  17.149  1.000 26.044 0 26  HYP A CD  1 ? 
HETATM 160 O OD1 . HYP A 1 26 ? 31.534  -9.441  15.874  1.000 35.093 0 26  HYP A OD1 1 ? 
ATOM   161 N N   . GLY A 1 27 ? 29.787  -11.147 20.415  1.000 32.065 0 27  GLY A N   1 ? 
ATOM   162 C CA  . GLY A 1 27 ? 29.333  -11.359 21.782  1.000 38.709 0 27  GLY A CA  1 ? 
ATOM   163 C C   . GLY A 1 27 ? 30.461  -11.329 22.803  1.000 46.419 0 27  GLY A C   1 ? 
ATOM   164 O O   . GLY A 1 27 ? 31.462  -10.610 22.671  1.000 49.686 0 27  GLY A O   1 ? 
ATOM   165 O OXT . GLY A 1 27 ? 30.365  -12.052 23.811  1.000 52.290 0 27  GLY A OXT 1 ? 
ATOM   166 N N   . PRO B 1 1  ? -33.051 12.735  -18.347 1.000 66.391 0 1   PRO B N   1 ? 
ATOM   167 C CA  . PRO B 1 1  ? -32.565 12.415  -16.999 1.000 64.224 0 1   PRO B CA  1 ? 
ATOM   168 C C   . PRO B 1 1  ? -31.047 12.248  -16.970 1.000 62.542 0 1   PRO B C   1 ? 
ATOM   169 O O   . PRO B 1 1  ? -30.399 12.326  -18.012 1.000 64.259 0 1   PRO B O   1 ? 
ATOM   170 C CB  . PRO B 1 1  ? -33.279 11.095  -16.695 1.000 66.087 0 1   PRO B CB  1 ? 
ATOM   171 C CG  . PRO B 1 1  ? -33.234 10.370  -18.018 1.000 66.116 0 1   PRO B CG  1 ? 
ATOM   172 C CD  . PRO B 1 1  ? -33.264 11.468  -19.066 1.000 66.442 0 1   PRO B CD  1 ? 
HETATM 173 N N   . HYP B 1 2  ? -30.423 12.037  -15.786 1.000 59.354 0 2   HYP B N   1 ? 
HETATM 174 C CA  . HYP B 1 2  ? -28.974 11.828  -15.710 1.000 55.748 0 2   HYP B CA  1 ? 
HETATM 175 C C   . HYP B 1 2  ? -28.576 10.475  -16.291 1.000 51.239 0 2   HYP B C   1 ? 
HETATM 176 O O   . HYP B 1 2  ? -29.362 9.530   -16.256 1.000 43.699 0 2   HYP B O   1 ? 
HETATM 177 C CB  . HYP B 1 2  ? -28.686 11.884  -14.199 1.000 57.178 0 2   HYP B CB  1 ? 
HETATM 178 C CG  . HYP B 1 2  ? -29.911 12.565  -13.606 1.000 58.886 0 2   HYP B CG  1 ? 
HETATM 179 C CD  . HYP B 1 2  ? -31.048 12.037  -14.453 1.000 58.511 0 2   HYP B CD  1 ? 
HETATM 180 O OD1 . HYP B 1 2  ? -29.793 13.970  -13.776 1.000 56.212 0 2   HYP B OD1 1 ? 
ATOM   181 N N   . GLY B 1 3  ? -27.345 10.400  -16.811 1.000 49.892 0 3   GLY B N   1 ? 
ATOM   182 C CA  . GLY B 1 3  ? -26.802 9.163   -17.349 1.000 51.058 0 3   GLY B CA  1 ? 
ATOM   183 C C   . GLY B 1 3  ? -26.494 8.128   -16.265 1.000 49.791 0 3   GLY B C   1 ? 
ATOM   184 O O   . GLY B 1 3  ? -26.697 8.372   -15.074 1.000 50.951 0 3   GLY B O   1 ? 
ATOM   185 N N   . PRO B 1 4  ? -25.975 6.937   -16.644 1.000 50.672 0 4   PRO B N   1 ? 
ATOM   186 C CA  . PRO B 1 4  ? -25.651 5.888   -15.672 1.000 50.796 0 4   PRO B CA  1 ? 
ATOM   187 C C   . PRO B 1 4  ? -24.414 6.266   -14.850 1.000 47.345 0 4   PRO B C   1 ? 
ATOM   188 O O   . PRO B 1 4  ? -23.678 7.171   -15.248 1.000 40.286 0 4   PRO B O   1 ? 
ATOM   189 C CB  . PRO B 1 4  ? -25.412 4.651   -16.558 1.000 51.562 0 4   PRO B CB  1 ? 
ATOM   190 C CG  . PRO B 1 4  ? -24.928 5.219   -17.879 1.000 52.471 0 4   PRO B CG  1 ? 
ATOM   191 C CD  . PRO B 1 4  ? -25.621 6.562   -18.022 1.000 53.476 0 4   PRO B CD  1 ? 
HETATM 192 N N   . HYP B 1 5  ? -24.167 5.634   -13.672 1.000 48.259 0 5   HYP B N   1 ? 
HETATM 193 C CA  . HYP B 1 5  ? -22.987 5.945   -12.857 1.000 44.569 0 5   HYP B CA  1 ? 
HETATM 194 C C   . HYP B 1 5  ? -21.684 5.832   -13.640 1.000 40.056 0 5   HYP B C   1 ? 
HETATM 195 O O   . HYP B 1 5  ? -21.608 5.080   -14.608 1.000 37.384 0 5   HYP B O   1 ? 
HETATM 196 C CB  . HYP B 1 5  ? -23.027 4.869   -11.765 1.000 45.773 0 5   HYP B CB  1 ? 
HETATM 197 C CG  . HYP B 1 5  ? -24.507 4.544   -11.623 1.000 45.688 0 5   HYP B CG  1 ? 
HETATM 198 C CD  . HYP B 1 5  ? -25.008 4.591   -13.050 1.000 45.538 0 5   HYP B CD  1 ? 
HETATM 199 O OD1 . HYP B 1 5  ? -25.120 5.543   -10.821 1.000 44.901 0 5   HYP B OD1 1 ? 
ATOM   200 N N   . GLY B 1 6  ? -20.661 6.575   -13.202 1.000 35.458 0 6   GLY B N   1 ? 
ATOM   201 C CA  . GLY B 1 6  ? -19.375 6.567   -13.879 1.000 35.739 0 6   GLY B CA  1 ? 
ATOM   202 C C   . GLY B 1 6  ? -18.606 5.274   -13.623 1.000 33.283 0 6   GLY B C   1 ? 
ATOM   203 O O   . GLY B 1 6  ? -19.014 4.451   -12.807 1.000 35.189 0 6   GLY B O   1 ? 
ATOM   204 N N   . PRO B 1 7  ? -17.466 5.069   -14.321 1.000 31.429 0 7   PRO B N   1 ? 
ATOM   205 C CA  . PRO B 1 7  ? -16.641 3.875   -14.127 1.000 34.311 0 7   PRO B CA  1 ? 
ATOM   206 C C   . PRO B 1 7  ? -15.972 3.895   -12.753 1.000 34.113 0 7   PRO B C   1 ? 
ATOM   207 O O   . PRO B 1 7  ? -15.858 4.953   -12.146 1.000 25.407 0 7   PRO B O   1 ? 
ATOM   208 C CB  . PRO B 1 7  ? -15.594 3.957   -15.240 1.000 35.591 0 7   PRO B CB  1 ? 
ATOM   209 C CG  . PRO B 1 7  ? -15.509 5.426   -15.559 1.000 36.257 0 7   PRO B CG  1 ? 
ATOM   210 C CD  . PRO B 1 7  ? -16.884 6.011   -15.281 1.000 31.194 0 7   PRO B CD  1 ? 
HETATM 211 N N   . HYP B 1 8  ? -15.565 2.731   -12.200 1.000 38.036 0 8   HYP B N   1 ? 
HETATM 212 C CA  . HYP B 1 8  ? -14.819 2.701   -10.932 1.000 37.171 0 8   HYP B CA  1 ? 
HETATM 213 C C   . HYP B 1 8  ? -13.624 3.638   -10.913 1.000 29.470 0 8   HYP B C   1 ? 
HETATM 214 O O   . HYP B 1 8  ? -12.989 3.828   -11.932 1.000 28.537 0 8   HYP B O   1 ? 
HETATM 215 C CB  . HYP B 1 8  ? -14.306 1.260   -10.920 1.000 39.633 0 8   HYP B CB  1 ? 
HETATM 216 C CG  . HYP B 1 8  ? -15.466 0.507   -11.543 1.000 43.498 0 8   HYP B CG  1 ? 
HETATM 217 C CD  . HYP B 1 8  ? -15.815 1.377   -12.736 1.000 42.149 0 8   HYP B CD  1 ? 
HETATM 218 O OD1 . HYP B 1 8  ? -16.507 0.472   -10.573 1.000 46.576 0 8   HYP B OD1 1 ? 
ATOM   219 N N   . GLY B 1 9  ? -13.294 4.185   -9.740  1.000 28.083 0 9   GLY B N   1 ? 
ATOM   220 C CA  . GLY B 1 9  ? -12.069 4.947   -9.604  1.000 25.508 0 9   GLY B CA  1 ? 
ATOM   221 C C   . GLY B 1 9  ? -10.850 4.043   -9.742  1.000 22.283 0 9   GLY B C   1 ? 
ATOM   222 O O   . GLY B 1 9  ? -10.997 2.831   -9.704  1.000 22.380 0 9   GLY B O   1 ? 
ATOM   223 N N   . GLU B 1 10 ? -9.710  4.657   -10.001 1.000 21.384 0 10  GLU B N   1 ? 
ATOM   224 C CA  . GLU B 1 10 ? -8.375  4.021   -10.116 1.000 22.233 0 10  GLU B CA  1 ? 
ATOM   225 C C   . GLU B 1 10 ? -8.051  3.352   -8.782  1.000 20.577 0 10  GLU B C   1 ? 
ATOM   226 O O   . GLU B 1 10 ? -8.400  3.945   -7.754  1.000 18.909 0 10  GLU B O   1 ? 
ATOM   227 C CB  . GLU B 1 10 ? -7.330  5.097   -10.409 1.000 25.165 0 10  GLU B CB  1 ? 
ATOM   228 C CG  . GLU B 1 10 ? -5.992  4.566   -10.856 1.000 30.897 0 10  GLU B CG  1 ? 
ATOM   229 C CD  . GLU B 1 10 ? -4.933  5.622   -11.156 1.000 37.573 0 10  GLU B CD  1 ? 
ATOM   230 O OE1 . GLU B 1 10 ? -3.731  5.259   -11.170 1.000 43.107 0 10  GLU B OE1 1 ? 
ATOM   231 O OE2 . GLU B 1 10 ? -5.296  6.806   -11.382 1.000 48.493 0 10  GLU B OE2 1 ? 
ATOM   232 N N   . LYS B 1 11 ? -7.387  2.209   -8.842  1.000 19.347 0 11  LYS B N   1 ? 
ATOM   233 C CA  . LYS B 1 11 ? -6.880  1.533   -7.622  1.000 16.481 0 11  LYS B CA  1 ? 
ATOM   234 C C   . LYS B 1 11 ? -5.891  2.487   -6.961  1.000 16.085 0 11  LYS B C   1 ? 
ATOM   235 O O   . LYS B 1 11 ? -5.189  3.224   -7.656  1.000 16.179 0 11  LYS B O   1 ? 
ATOM   236 C CB  . LYS B 1 11 ? -6.256  0.171   -7.925  1.000 17.240 0 11  LYS B CB  1 ? 
ATOM   237 C CG  . LYS B 1 11 ? -5.752  -0.577  -6.687  1.000 18.686 0 11  LYS B CG  1 ? 
ATOM   238 C CD  . LYS B 1 11 ? -5.296  -1.983  -7.028  1.000 21.492 0 11  LYS B CD  1 ? 
ATOM   239 C CE  . LYS B 1 11 ? -4.802  -2.811  -5.864  1.000 23.584 0 11  LYS B CE  1 ? 
ATOM   240 N NZ  . LYS B 1 11 ? -4.406  -4.168  -6.323  1.000 27.931 0 11  LYS B NZ  1 ? 
ATOM   241 N N   . GLY B 1 12 ? -5.863  2.489   -5.626  1.000 13.645 0 12  GLY B N   1 ? 
ATOM   242 C CA  . GLY B 1 12 ? -4.963  3.366   -4.881  1.000 13.106 0 12  GLY B CA  1 ? 
ATOM   243 C C   . GLY B 1 12 ? -3.510  2.952   -5.094  1.000 11.837 0 12  GLY B C   1 ? 
ATOM   244 O O   . GLY B 1 12 ? -3.243  1.871   -5.586  1.000 13.147 0 12  GLY B O   1 ? 
ATOM   245 N N   . SER B 1 13 ? -2.591  3.837   -4.769  1.000 11.182 0 13  SER B N   1 ? 
ATOM   246 C CA  A SER B 1 13 ? -1.137  3.544   -4.861  0.500 11.985 0 13  SER B CA  1 ? 
ATOM   247 C CA  B SER B 1 13 ? -1.136  3.552   -4.856  0.500 10.975 0 13  SER B CA  1 ? 
ATOM   248 C C   . SER B 1 13 ? -0.767  2.414   -3.914  1.000 11.634 0 13  SER B C   1 ? 
ATOM   249 O O   . SER B 1 13 ? -1.331  2.272   -2.825  1.000 10.850 0 13  SER B O   1 ? 
ATOM   250 C CB  A SER B 1 13 ? -0.330  4.738   -4.559  0.500 13.607 0 13  SER B CB  1 ? 
ATOM   251 C CB  B SER B 1 13 ? -0.334  4.760   -4.552  0.500 11.300 0 13  SER B CB  1 ? 
ATOM   252 O OG  A SER B 1 13 ? -0.587  5.185   -3.239  0.500 18.624 0 13  SER B OG  1 ? 
ATOM   253 O OG  B SER B 1 13 ? -0.581  5.803   -5.496  0.500 12.102 0 13  SER B OG  1 ? 
ATOM   254 N N   . PRO B 1 14 ? 0.239   1.597   -4.272  1.000 11.370 0 14  PRO B N   1 ? 
ATOM   255 C CA  . PRO B 1 14 ? 0.786   0.631   -3.333  1.000 10.448 0 14  PRO B CA  1 ? 
ATOM   256 C C   . PRO B 1 14 ? 1.316   1.312   -2.079  1.000 9.166  0 14  PRO B C   1 ? 
ATOM   257 O O   . PRO B 1 14 ? 1.788   2.447   -2.112  1.000 9.735  0 14  PRO B O   1 ? 
ATOM   258 C CB  . PRO B 1 14 ? 1.933   0.032   -4.138  1.000 12.785 0 14  PRO B CB  1 ? 
ATOM   259 C CG  . PRO B 1 14 ? 1.582   0.217   -5.581  1.000 14.972 0 14  PRO B CG  1 ? 
ATOM   260 C CD  . PRO B 1 14 ? 0.899   1.557   -5.582  1.000 12.886 0 14  PRO B CD  1 ? 
ATOM   261 N N   . GLY B 1 15 ? 1.241   0.583   -0.961  1.000 8.973  0 15  GLY B N   1 ? 
ATOM   262 C CA  . GLY B 1 15 ? 1.871   1.038   0.261   1.000 9.345  0 15  GLY B CA  1 ? 
ATOM   263 C C   . GLY B 1 15 ? 3.397   1.006   0.107   1.000 8.542  0 15  GLY B C   1 ? 
ATOM   264 O O   . GLY B 1 15 ? 3.928   0.250   -0.682  1.000 10.049 0 15  GLY B O   1 ? 
ATOM   265 N N   . ALA B 1 16 ? 4.064   1.809   0.914   1.000 9.041  0 16  ALA B N   1 ? 
ATOM   266 C CA  . ALA B 1 16 ? 5.532   1.815   0.983   1.000 9.184  0 16  ALA B CA  1 ? 
ATOM   267 C C   . ALA B 1 16 ? 6.018   0.473   1.500   1.000 9.534  0 16  ALA B C   1 ? 
ATOM   268 O O   . ALA B 1 16 ? 5.354   -0.168  2.330   1.000 8.969  0 16  ALA B O   1 ? 
ATOM   269 C CB  . ALA B 1 16 ? 6.032   2.944   1.839   1.000 10.387 0 16  ALA B CB  1 ? 
ATOM   270 N N   . GLN B 1 17 ? 7.204   0.088   1.113   1.000 8.175  0 17  GLN B N   1 ? 
ATOM   271 C CA  . GLN B 1 17 ? 7.877   -1.028  1.792   1.000 6.950  0 17  GLN B CA  1 ? 
ATOM   272 C C   . GLN B 1 17 ? 8.129   -0.633  3.252   1.000 6.533  0 17  GLN B C   1 ? 
ATOM   273 O O   . GLN B 1 17 ? 8.399   0.525   3.570   1.000 5.598  0 17  GLN B O   1 ? 
ATOM   274 C CB  . GLN B 1 17 ? 9.162   -1.397  1.066   1.000 7.477  0 17  GLN B CB  1 ? 
ATOM   275 C CG  . GLN B 1 17 ? 9.869   -2.580  1.679   1.000 7.156  0 17  GLN B CG  1 ? 
ATOM   276 C CD  . GLN B 1 17 ? 11.092  -3.070  0.949   1.000 8.380  0 17  GLN B CD  1 ? 
ATOM   277 O OE1 . GLN B 1 17 ? 11.775  -2.316  0.248   1.000 9.282  0 17  GLN B OE1 1 ? 
ATOM   278 N NE2 . GLN B 1 17 ? 11.439  -4.335  1.184   1.000 8.560  0 17  GLN B NE2 1 ? 
ATOM   279 N N   . GLY B 1 18 ? 8.043   -1.620  4.145   1.000 5.475  0 18  GLY B N   1 ? 
ATOM   280 C CA  . GLY B 1 18 ? 8.380   -1.422  5.539   1.000 5.138  0 18  GLY B CA  1 ? 
ATOM   281 C C   . GLY B 1 18 ? 9.860   -1.113  5.692   1.000 5.022  0 18  GLY B C   1 ? 
ATOM   282 O O   . GLY B 1 18 ? 10.663  -1.297  4.771   1.000 5.517  0 18  GLY B O   1 ? 
ATOM   283 N N   . PRO B 1 19 ? 10.251  -0.617  6.873   1.000 5.063  0 19  PRO B N   1 ? 
ATOM   284 C CA  . PRO B 1 19 ? 11.636  -0.318  7.167   1.000 5.209  0 19  PRO B CA  1 ? 
ATOM   285 C C   . PRO B 1 19 ? 12.443  -1.582  7.353   1.000 5.814  0 19  PRO B C   1 ? 
ATOM   286 O O   . PRO B 1 19 ? 11.938  -2.671  7.647   1.000 5.638  0 19  PRO B O   1 ? 
ATOM   287 C CB  . PRO B 1 19 ? 11.549  0.490   8.458   1.000 5.485  0 19  PRO B CB  1 ? 
ATOM   288 C CG  . PRO B 1 19 ? 10.359  -0.017  9.122   1.000 5.984  0 19  PRO B CG  1 ? 
ATOM   289 C CD  . PRO B 1 19 ? 9.372   -0.314  8.020   1.000 5.082  0 19  PRO B CD  1 ? 
HETATM 290 N N   . HYP B 1 20 ? 13.785  -1.458  7.264   1.000 5.966  0 20  HYP B N   1 ? 
HETATM 291 C CA  . HYP B 1 20 ? 14.685  -2.516  7.674   1.000 5.955  0 20  HYP B CA  1 ? 
HETATM 292 C C   . HYP B 1 20 ? 14.395  -2.976  9.099   1.000 5.993  0 20  HYP B C   1 ? 
HETATM 293 O O   . HYP B 1 20 ? 14.021  -2.182  9.973   1.000 6.750  0 20  HYP B O   1 ? 
HETATM 294 C CB  . HYP B 1 20 ? 16.073  -1.878  7.593   1.000 7.603  0 20  HYP B CB  1 ? 
HETATM 295 C CG  . HYP B 1 20 ? 15.915  -0.709  6.667   1.000 8.135  0 20  HYP B CG  1 ? 
HETATM 296 C CD  . HYP B 1 20 ? 14.506  -0.203  6.909   1.000 6.578  0 20  HYP B CD  1 ? 
HETATM 297 O OD1 . HYP B 1 20 ? 16.103  -1.226  5.369   1.000 9.429  0 20  HYP B OD1 1 ? 
ATOM   298 N N   . GLY B 1 21 ? 14.574  -4.280  9.327   1.000 6.469  0 21  GLY B N   1 ? 
ATOM   299 C CA  . GLY B 1 21 ? 14.417  -4.791  10.668  1.000 6.622  0 21  GLY B CA  1 ? 
ATOM   300 C C   . GLY B 1 21 ? 15.565  -4.381  11.598  1.000 6.589  0 21  GLY B C   1 ? 
ATOM   301 O O   . GLY B 1 21 ? 16.555  -3.769  11.171  1.000 7.317  0 21  GLY B O   1 ? 
ATOM   302 N N   . PRO B 1 22 ? 15.365  -4.768  12.878  1.000 7.259  0 22  PRO B N   1 ? 
ATOM   303 C CA  . PRO B 1 22 ? 16.347  -4.446  13.908  1.000 7.652  0 22  PRO B CA  1 ? 
ATOM   304 C C   . PRO B 1 22 ? 17.643  -5.199  13.672  1.000 6.951  0 22  PRO B C   1 ? 
ATOM   305 O O   . PRO B 1 22 ? 17.652  -6.305  13.111  1.000 5.946  0 22  PRO B O   1 ? 
ATOM   306 C CB  . PRO B 1 22 ? 15.614  -5.040  15.120  1.000 9.082  0 22  PRO B CB  1 ? 
ATOM   307 C CG  . PRO B 1 22 ? 14.213  -5.086  14.851  1.000 9.903  0 22  PRO B CG  1 ? 
ATOM   308 C CD  . PRO B 1 22 ? 14.147  -5.394  13.396  1.000 8.881  0 22  PRO B CD  1 ? 
HETATM 309 N N   . HYP B 1 23 ? 18.768  -4.684  14.146  1.000 6.917  0 23  HYP B N   1 ? 
HETATM 310 C CA  . HYP B 1 23 ? 20.010  -5.469  14.257  1.000 7.130  0 23  HYP B CA  1 ? 
HETATM 311 C C   . HYP B 1 23 ? 19.743  -6.732  15.034  1.000 7.232  0 23  HYP B C   1 ? 
HETATM 312 O O   . HYP B 1 23 ? 18.959  -6.763  15.986  1.000 8.715  0 23  HYP B O   1 ? 
HETATM 313 C CB  . HYP B 1 23 ? 20.995  -4.581  15.014  1.000 8.129  0 23  HYP B CB  1 ? 
HETATM 314 C CG  . HYP B 1 23 ? 20.438  -3.197  14.742  1.000 8.973  0 23  HYP B CG  1 ? 
HETATM 315 C CD  . HYP B 1 23 ? 18.934  -3.315  14.673  1.000 7.487  0 23  HYP B CD  1 ? 
HETATM 316 O OD1 . HYP B 1 23 ? 20.934  -2.749  13.479  1.000 10.985 0 23  HYP B OD1 1 ? 
ATOM   317 N N   . GLY B 1 24 ? 20.416  -7.823  14.619  1.000 7.098  0 24  GLY B N   1 ? 
ATOM   318 C CA  . GLY B 1 24 ? 20.300  -9.067  15.365  1.000 7.069  0 24  GLY B CA  1 ? 
ATOM   319 C C   . GLY B 1 24 ? 20.953  -9.011  16.729  1.000 7.296  0 24  GLY B C   1 ? 
ATOM   320 O O   . GLY B 1 24 ? 21.646  -8.036  17.136  1.000 8.051  0 24  GLY B O   1 ? 
ATOM   321 N N   . PRO B 1 25 ? 20.711  -10.054 17.522  1.000 8.428  0 25  PRO B N   1 ? 
ATOM   322 C CA  . PRO B 1 25 ? 21.353  -10.136 18.839  1.000 9.178  0 25  PRO B CA  1 ? 
ATOM   323 C C   . PRO B 1 25 ? 22.857  -10.213 18.791  1.000 10.633 0 25  PRO B C   1 ? 
ATOM   324 O O   . PRO B 1 25 ? 23.411  -10.721 17.848  1.000 10.096 0 25  PRO B O   1 ? 
ATOM   325 C CB  . PRO B 1 25 ? 20.812  -11.471 19.379  1.000 10.422 0 25  PRO B CB  1 ? 
ATOM   326 C CG  . PRO B 1 25 ? 19.573  -11.695 18.670  1.000 9.957  0 25  PRO B CG  1 ? 
ATOM   327 C CD  . PRO B 1 25 ? 19.816  -11.194 17.255  1.000 9.205  0 25  PRO B CD  1 ? 
HETATM 328 N N   . HYP B 1 26 ? 23.528  -9.979  19.934  1.000 12.825 0 26  HYP B N   1 ? 
HETATM 329 C CA  . HYP B 1 26 ? 24.940  -10.307 20.016  1.000 14.289 0 26  HYP B CA  1 ? 
HETATM 330 C C   . HYP B 1 26 ? 25.180  -11.800 19.869  1.000 16.619 0 26  HYP B C   1 ? 
HETATM 331 O O   . HYP B 1 26 ? 24.337  -12.645 20.264  1.000 16.667 0 26  HYP B O   1 ? 
HETATM 332 C CB  . HYP B 1 26 ? 25.294  -9.889  21.443  1.000 16.332 0 26  HYP B CB  1 ? 
HETATM 333 C CG  . HYP B 1 26 ? 24.289  -8.815  21.792  1.000 16.969 0 26  HYP B CG  1 ? 
HETATM 334 C CD  . HYP B 1 26 ? 23.015  -9.302  21.120  1.000 14.334 0 26  HYP B CD  1 ? 
HETATM 335 O OD1 . HYP B 1 26 ? 24.741  -7.605  21.217  1.000 20.342 0 26  HYP B OD1 1 ? 
ATOM   336 N N   . GLY B 1 27 ? 26.383  -12.113 19.349  1.000 21.297 0 27  GLY B N   1 ? 
ATOM   337 C CA  . GLY B 1 27 ? 26.942  -13.454 19.385  1.000 25.967 0 27  GLY B CA  1 ? 
ATOM   338 C C   . GLY B 1 27 ? 27.124  -13.944 20.820  1.000 30.610 0 27  GLY B C   1 ? 
ATOM   339 O O   . GLY B 1 27 ? 27.421  -15.152 21.026  1.000 33.584 0 27  GLY B O   1 ? 
ATOM   340 O OXT . GLY B 1 27 ? 26.987  -13.186 21.815  1.000 32.165 0 27  GLY B OXT 1 ? 
ATOM   341 N N   . GLY C 1 3  ? -28.183 11.407  -20.752 1.000 60.208 0 3   GLY C N   1 ? 
ATOM   342 C CA  . GLY C 1 3  ? -27.027 12.185  -20.205 1.000 56.940 0 3   GLY C CA  1 ? 
ATOM   343 C C   . GLY C 1 3  ? -25.695 11.476  -20.448 1.000 53.038 0 3   GLY C C   1 ? 
ATOM   344 O O   . GLY C 1 3  ? -25.661 10.266  -20.687 1.000 51.884 0 3   GLY C O   1 ? 
ATOM   345 N N   . PRO C 1 4  ? -24.552 12.197  -20.381 1.000 50.361 0 4   PRO C N   1 ? 
ATOM   346 C CA  . PRO C 1 4  ? -23.244 11.537  -20.350 1.000 50.799 0 4   PRO C CA  1 ? 
ATOM   347 C C   . PRO C 1 4  ? -23.176 10.639  -19.107 1.000 51.085 0 4   PRO C C   1 ? 
ATOM   348 O O   . PRO C 1 4  ? -23.724 10.998  -18.061 1.000 46.818 0 4   PRO C O   1 ? 
ATOM   349 C CB  . PRO C 1 4  ? -22.249 12.712  -20.320 1.000 48.370 0 4   PRO C CB  1 ? 
ATOM   350 C CG  . PRO C 1 4  ? -23.042 13.879  -19.774 1.000 50.176 0 4   PRO C CG  1 ? 
ATOM   351 C CD  . PRO C 1 4  ? -24.455 13.662  -20.272 1.000 50.199 0 4   PRO C CD  1 ? 
HETATM 352 N N   . HYP C 1 5  ? -22.585 9.419   -19.172 1.000 50.003 0 5   HYP C N   1 ? 
HETATM 353 C CA  . HYP C 1 5  ? -22.315 8.649   -17.960 1.000 48.898 0 5   HYP C CA  1 ? 
HETATM 354 C C   . HYP C 1 5  ? -21.523 9.505   -16.982 1.000 42.055 0 5   HYP C C   1 ? 
HETATM 355 O O   . HYP C 1 5  ? -20.888 10.490  -17.370 1.000 38.854 0 5   HYP C O   1 ? 
HETATM 356 C CB  . HYP C 1 5  ? -21.478 7.461   -18.440 1.000 51.805 0 5   HYP C CB  1 ? 
HETATM 357 C CG  . HYP C 1 5  ? -21.900 7.290   -19.890 1.000 51.664 0 5   HYP C CG  1 ? 
HETATM 358 C CD  . HYP C 1 5  ? -22.157 8.707   -20.385 1.000 54.396 0 5   HYP C CD  1 ? 
HETATM 359 O OD1 . HYP C 1 5  ? -23.090 6.522   -19.914 1.000 59.167 0 5   HYP C OD1 1 ? 
ATOM   360 N N   . GLY C 1 6  ? -21.590 9.140   -15.701 1.000 34.945 0 6   GLY C N   1 ? 
ATOM   361 C CA  . GLY C 1 6  ? -20.935 9.939   -14.695 1.000 33.420 0 6   GLY C CA  1 ? 
ATOM   362 C C   . GLY C 1 6  ? -19.428 9.834   -14.868 1.000 33.177 0 6   GLY C C   1 ? 
ATOM   363 O O   . GLY C 1 6  ? -18.931 8.927   -15.534 1.000 30.569 0 6   GLY C O   1 ? 
ATOM   364 N N   . PRO C 1 7  ? -18.666 10.768  -14.288 1.000 33.545 0 7   PRO C N   1 ? 
ATOM   365 C CA  . PRO C 1 7  ? -17.207 10.683  -14.358 1.000 34.093 0 7   PRO C CA  1 ? 
ATOM   366 C C   . PRO C 1 7  ? -16.713 9.500   -13.517 1.000 32.753 0 7   PRO C C   1 ? 
ATOM   367 O O   . PRO C 1 7  ? -17.455 8.912   -12.724 1.000 26.957 0 7   PRO C O   1 ? 
ATOM   368 C CB  . PRO C 1 7  ? -16.802 12.049  -13.804 1.000 33.875 0 7   PRO C CB  1 ? 
ATOM   369 C CG  . PRO C 1 7  ? -17.861 12.319  -12.769 1.000 36.178 0 7   PRO C CG  1 ? 
ATOM   370 C CD  . PRO C 1 7  ? -19.138 11.882  -13.453 1.000 34.508 0 7   PRO C CD  1 ? 
HETATM 371 N N   . HYP C 1 8  ? -15.433 9.086   -13.679 1.000 30.676 0 8   HYP C N   1 ? 
HETATM 372 C CA  . HYP C 1 8  ? -14.877 8.020   -12.846 1.000 32.189 0 8   HYP C CA  1 ? 
HETATM 373 C C   . HYP C 1 8  ? -14.938 8.355   -11.360 1.000 29.384 0 8   HYP C C   1 ? 
HETATM 374 O O   . HYP C 1 8  ? -14.941 9.520   -10.985 1.000 28.895 0 8   HYP C O   1 ? 
HETATM 375 C CB  . HYP C 1 8  ? -13.409 7.963   -13.305 1.000 33.596 0 8   HYP C CB  1 ? 
HETATM 376 C CG  . HYP C 1 8  ? -13.452 8.492   -14.728 1.000 33.472 0 8   HYP C CG  1 ? 
HETATM 377 C CD  . HYP C 1 8  ? -14.468 9.604   -14.664 1.000 33.306 0 8   HYP C CD  1 ? 
HETATM 378 O OD1 . HYP C 1 8  ? -13.916 7.459   -15.585 1.000 36.870 0 8   HYP C OD1 1 ? 
ATOM   379 N N   . GLY C 1 9  ? -14.975 7.313   -10.527 1.000 28.463 0 9   GLY C N   1 ? 
ATOM   380 C CA  . GLY C 1 9  ? -14.924 7.480   -9.084  1.000 31.846 0 9   GLY C CA  1 ? 
ATOM   381 C C   . GLY C 1 9  ? -13.568 8.008   -8.636  1.000 30.027 0 9   GLY C C   1 ? 
ATOM   382 O O   . GLY C 1 9  ? -12.642 8.108   -9.479  1.000 27.220 0 9   GLY C O   1 ? 
ATOM   383 N N   . GLU C 1 10 ? -13.450 8.394   -7.365  1.000 34.747 0 10  GLU C N   1 ? 
ATOM   384 C CA  . GLU C 1 10 ? -12.175 8.946   -6.830  1.000 35.584 0 10  GLU C CA  1 ? 
ATOM   385 C C   . GLU C 1 10 ? -11.159 7.795   -6.749  1.000 30.580 0 10  GLU C C   1 ? 
ATOM   386 O O   . GLU C 1 10 ? -11.584 6.630   -6.615  1.000 27.089 0 10  GLU C O   1 ? 
ATOM   387 C CB  . GLU C 1 10 ? -12.392 9.695   -5.510  1.000 40.265 0 10  GLU C CB  1 ? 
ATOM   388 C CG  . GLU C 1 10 ? -12.873 8.843   -4.341  1.000 44.282 0 10  GLU C CG  1 ? 
ATOM   389 C CD  . GLU C 1 10 ? -12.760 9.509   -2.969  1.000 46.779 0 10  GLU C CD  1 ? 
ATOM   390 O OE1 . GLU C 1 10 ? -13.162 8.874   -1.972  1.000 45.572 0 10  GLU C OE1 1 ? 
ATOM   391 O OE2 . GLU C 1 10 ? -12.265 10.664  -2.895  1.000 49.685 0 10  GLU C OE2 1 ? 
ATOM   392 N N   . LYS C 1 11 ? -9.873  8.124   -6.886  1.000 27.198 0 11  LYS C N   1 ? 
ATOM   393 C CA  . LYS C 1 11 ? -8.772  7.151   -6.681  1.000 24.797 0 11  LYS C CA  1 ? 
ATOM   394 C C   . LYS C 1 11 ? -8.935  6.512   -5.307  1.000 22.722 0 11  LYS C C   1 ? 
ATOM   395 O O   . LYS C 1 11 ? -9.254  7.262   -4.349  1.000 23.296 0 11  LYS C O   1 ? 
ATOM   396 C CB  . LYS C 1 11 ? -7.433  7.865   -6.756  1.000 28.093 0 11  LYS C CB  1 ? 
ATOM   397 C CG  . LYS C 1 11 ? -6.231  6.938   -6.668  1.000 28.249 0 11  LYS C CG  1 ? 
ATOM   398 C CD  . LYS C 1 11 ? -5.056  7.484   -7.386  1.000 32.265 0 11  LYS C CD  1 ? 
ATOM   399 C CE  . LYS C 1 11 ? -3.770  6.821   -6.965  1.000 33.269 0 11  LYS C CE  1 ? 
ATOM   400 N NZ  . LYS C 1 11 ? -2.684  7.222   -7.880  1.000 37.160 0 11  LYS C NZ  1 ? 
ATOM   401 N N   . GLY C 1 12 ? -8.652  5.202   -5.203  1.000 19.430 0 12  GLY C N   1 ? 
ATOM   402 C CA  . GLY C 1 12 ? -8.632  4.471   -3.914  1.000 18.484 0 12  GLY C CA  1 ? 
ATOM   403 C C   . GLY C 1 12 ? -7.561  5.027   -2.975  1.000 16.148 0 12  GLY C C   1 ? 
ATOM   404 O O   . GLY C 1 12 ? -6.661  5.767   -3.426  1.000 17.407 0 12  GLY C O   1 ? 
ATOM   405 N N   . SER C 1 13 ? -7.700  4.743   -1.686  1.000 16.580 0 13  SER C N   1 ? 
ATOM   406 C CA  . SER C 1 13 ? -6.680  5.052   -0.662  1.000 17.606 0 13  SER C CA  1 ? 
ATOM   407 C C   . SER C 1 13 ? -5.431  4.219   -0.937  1.000 14.677 0 13  SER C C   1 ? 
ATOM   408 O O   . SER C 1 13 ? -5.510  3.143   -1.542  1.000 14.544 0 13  SER C O   1 ? 
ATOM   409 C CB  . SER C 1 13 ? -7.156  4.819   0.719   1.000 17.930 0 13  SER C CB  1 ? 
ATOM   410 O OG  . SER C 1 13 ? -8.224  5.733   1.047   1.000 23.587 0 13  SER C OG  1 ? 
ATOM   411 N N   . PRO C 1 14 ? -4.266  4.738   -0.536  1.000 15.309 0 14  PRO C N   1 ? 
ATOM   412 C CA  . PRO C 1 14 ? -3.050  3.956   -0.642  1.000 14.631 0 14  PRO C CA  1 ? 
ATOM   413 C C   . PRO C 1 14 ? -3.117  2.722   0.263   1.000 14.243 0 14  PRO C C   1 ? 
ATOM   414 O O   . PRO C 1 14 ? -3.771  2.656   1.317   1.000 13.595 0 14  PRO C O   1 ? 
ATOM   415 C CB  . PRO C 1 14 ? -1.906  4.917   -0.304  1.000 16.367 0 14  PRO C CB  1 ? 
ATOM   416 C CG  . PRO C 1 14 ? -2.548  6.044   0.417   1.000 20.662 0 14  PRO C CG  1 ? 
ATOM   417 C CD  . PRO C 1 14 ? -4.014  6.073   0.019   1.000 17.694 0 14  PRO C CD  1 ? 
ATOM   418 N N   . GLY C 1 15 ? -2.367  1.698   -0.151  1.000 11.447 0 15  GLY C N   1 ? 
ATOM   419 C CA  . GLY C 1 15 ? -2.109  0.550   0.719   1.000 11.012 0 15  GLY C CA  1 ? 
ATOM   420 C C   . GLY C 1 15 ? -1.343  0.939   1.984   1.000 10.353 0 15  GLY C C   1 ? 
ATOM   421 O O   . GLY C 1 15 ? -0.692  1.955   2.012   1.000 10.702 0 15  GLY C O   1 ? 
ATOM   422 N N   . ALA C 1 16 ? -1.477  0.118   3.010   1.000 11.440 0 16  ALA C N   1 ? 
ATOM   423 C CA  . ALA C 1 16 ? -0.704  0.312   4.247   1.000 12.184 0 16  ALA C CA  1 ? 
ATOM   424 C C   . ALA C 1 16 ? 0.771   0.049   3.967   1.000 11.390 0 16  ALA C C   1 ? 
ATOM   425 O O   . ALA C 1 16 ? 1.101   -0.809  3.098   1.000 11.353 0 16  ALA C O   1 ? 
ATOM   426 C CB  . ALA C 1 16 ? -1.190  -0.623  5.299   1.000 14.174 0 16  ALA C CB  1 ? 
ATOM   427 N N   . GLN C 1 17 ? 1.670   0.711   4.659   1.000 9.566  0 17  GLN C N   1 ? 
ATOM   428 C CA  . GLN C 1 17 ? 3.115   0.407   4.595   1.000 8.693  0 17  GLN C CA  1 ? 
ATOM   429 C C   . GLN C 1 17 ? 3.260   -1.038  5.064   1.000 7.375  0 17  GLN C C   1 ? 
ATOM   430 O O   . GLN C 1 17 ? 2.489   -1.544  5.940   1.000 8.253  0 17  GLN C O   1 ? 
ATOM   431 C CB  . GLN C 1 17 ? 3.933   1.366   5.473   1.000 9.146  0 17  GLN C CB  1 ? 
ATOM   432 C CG  . GLN C 1 17 ? 5.456   1.079   5.477   1.000 10.080 0 17  GLN C CG  1 ? 
ATOM   433 C CD  . GLN C 1 17 ? 6.295   2.034   6.270   1.000 13.210 0 17  GLN C CD  1 ? 
ATOM   434 O OE1 . GLN C 1 17 ? 5.964   2.399   7.387   1.000 14.149 0 17  GLN C OE1 1 ? 
ATOM   435 N NE2 . GLN C 1 17 ? 7.478   2.314   5.749   1.000 13.556 0 17  GLN C NE2 1 ? 
ATOM   436 N N   . GLY C 1 18 ? 4.206   -1.754  4.491   1.000 7.145  0 18  GLY C N   1 ? 
ATOM   437 C CA  . GLY C 1 18 ? 4.574   -3.071  5.001   1.000 7.091  0 18  GLY C CA  1 ? 
ATOM   438 C C   . GLY C 1 18 ? 5.183   -3.002  6.393   1.000 6.139  0 18  GLY C C   1 ? 
ATOM   439 O O   . GLY C 1 18 ? 5.592   -1.943  6.897   1.000 6.847  0 18  GLY C O   1 ? 
ATOM   440 N N   . PRO C 1 19 ? 5.190   -4.155  7.070   1.000 5.902  0 19  PRO C N   1 ? 
ATOM   441 C CA  . PRO C 1 19 ? 5.766   -4.243  8.384   1.000 5.728  0 19  PRO C CA  1 ? 
ATOM   442 C C   . PRO C 1 19 ? 7.285   -4.092  8.342   1.000 5.561  0 19  PRO C C   1 ? 
ATOM   443 O O   . PRO C 1 19 ? 7.922   -4.251  7.284   1.000 5.540  0 19  PRO C O   1 ? 
ATOM   444 C CB  . PRO C 1 19 ? 5.379   -5.656  8.852   1.000 6.451  0 19  PRO C CB  1 ? 
ATOM   445 C CG  . PRO C 1 19 ? 5.261   -6.388  7.650   1.000 7.732  0 19  PRO C CG  1 ? 
ATOM   446 C CD  . PRO C 1 19 ? 4.749   -5.464  6.585   1.000 8.264  0 19  PRO C CD  1 ? 
HETATM 447 N N   . HYP C 1 20 ? 7.896   -3.770  9.489   1.000 5.506  0 20  HYP C N   1 ? 
HETATM 448 C CA  . HYP C 1 20 ? 9.345   -3.805  9.635   1.000 5.388  0 20  HYP C CA  1 ? 
HETATM 449 C C   . HYP C 1 20 ? 9.884   -5.167  9.255   1.000 4.717  0 20  HYP C C   1 ? 
HETATM 450 O O   . HYP C 1 20 ? 9.209   -6.209  9.456   1.000 4.591  0 20  HYP C O   1 ? 
HETATM 451 C CB  . HYP C 1 20 ? 9.632   -3.480  11.092  1.000 5.989  0 20  HYP C CB  1 ? 
HETATM 452 C CG  . HYP C 1 20 ? 8.375   -2.847  11.610  1.000 7.172  0 20  HYP C CG  1 ? 
HETATM 453 C CD  . HYP C 1 20 ? 7.257   -3.450  10.794  1.000 7.087  0 20  HYP C CD  1 ? 
HETATM 454 O OD1 . HYP C 1 20 ? 8.552   -1.461  11.286  1.000 8.885  0 20  HYP C OD1 1 ? 
ATOM   455 N N   . GLY C 1 21 ? 11.102  -5.201  8.754   1.000 5.102  0 21  GLY C N   1 ? 
ATOM   456 C CA  . GLY C 1 21 ? 11.787  -6.437  8.438   1.000 5.123  0 21  GLY C CA  1 ? 
ATOM   457 C C   . GLY C 1 21 ? 12.027  -7.320  9.654   1.000 5.665  0 21  GLY C C   1 ? 
ATOM   458 O O   . GLY C 1 21 ? 11.993  -6.866  10.797  1.000 5.286  0 21  GLY C O   1 ? 
ATOM   459 N N   . PRO C 1 22 ? 12.328  -8.624  9.420   1.000 5.500  0 22  PRO C N   1 ? 
ATOM   460 C CA  . PRO C 1 22 ? 12.796  -9.478  10.508  1.000 5.794  0 22  PRO C CA  1 ? 
ATOM   461 C C   . PRO C 1 22 ? 14.050  -8.964  11.186  1.000 5.219  0 22  PRO C C   1 ? 
ATOM   462 O O   . PRO C 1 22 ? 14.855  -8.290  10.530  1.000 4.795  0 22  PRO C O   1 ? 
ATOM   463 C CB  . PRO C 1 22 ? 13.146  -10.772 9.735   1.000 6.501  0 22  PRO C CB  1 ? 
ATOM   464 C CG  . PRO C 1 22 ? 12.333  -10.736 8.518   1.000 7.314  0 22  PRO C CG  1 ? 
ATOM   465 C CD  . PRO C 1 22 ? 12.327  -9.284  8.119   1.000 6.554  0 22  PRO C CD  1 ? 
HETATM 466 N N   . HYP C 1 23 ? 14.343  -9.314  12.445  1.000 5.399  0 23  HYP C N   1 ? 
HETATM 467 C CA  . HYP C 1 23 ? 15.649  -9.076  13.045  1.000 5.907  0 23  HYP C CA  1 ? 
HETATM 468 C C   . HYP C 1 23 ? 16.732  -9.726  12.193  1.000 5.943  0 23  HYP C C   1 ? 
HETATM 469 O O   . HYP C 1 23 ? 16.532  -10.795 11.584  1.000 6.469  0 23  HYP C O   1 ? 
HETATM 470 C CB  . HYP C 1 23 ? 15.536  -9.782  14.412  1.000 6.021  0 23  HYP C CB  1 ? 
HETATM 471 C CG  . HYP C 1 23 ? 14.049  -9.772  14.706  1.000 6.416  0 23  HYP C CG  1 ? 
HETATM 472 C CD  . HYP C 1 23 ? 13.392  -9.958  13.383  1.000 5.859  0 23  HYP C CD  1 ? 
HETATM 473 O OD1 . HYP C 1 23 ? 13.723  -8.477  15.205  1.000 6.872  0 23  HYP C OD1 1 ? 
ATOM   474 N N   . GLY C 1 24 ? 17.898  -9.098  12.155  1.000 6.374  0 24  GLY C N   1 ? 
ATOM   475 C CA  . GLY C 1 24 ? 19.062  -9.750  11.593  1.000 6.186  0 24  GLY C CA  1 ? 
ATOM   476 C C   . GLY C 1 24 ? 19.479  -11.008 12.352  1.000 6.910  0 24  GLY C C   1 ? 
ATOM   477 O O   . GLY C 1 24 ? 19.055  -11.301 13.489  1.000 6.938  0 24  GLY C O   1 ? 
ATOM   478 N N   . PRO C 1 25 ? 20.410  -11.745 11.729  1.000 7.354  0 25  PRO C N   1 ? 
ATOM   479 C CA  . PRO C 1 25 ? 21.005  -12.897 12.391  1.000 8.064  0 25  PRO C CA  1 ? 
ATOM   480 C C   . PRO C 1 25 ? 21.780  -12.467 13.613  1.000 8.313  0 25  PRO C C   1 ? 
ATOM   481 O O   . PRO C 1 25 ? 22.260  -11.327 13.674  1.000 8.688  0 25  PRO C O   1 ? 
ATOM   482 C CB  . PRO C 1 25 ? 21.922  -13.516 11.367  1.000 9.118  0 25  PRO C CB  1 ? 
ATOM   483 C CG  . PRO C 1 25 ? 21.505  -12.938 10.053  1.000 9.983  0 25  PRO C CG  1 ? 
ATOM   484 C CD  . PRO C 1 25 ? 20.959  -11.555 10.379  1.000 7.871  0 25  PRO C CD  1 ? 
HETATM 485 N N   . HYP C 1 26 ? 22.013  -13.393 14.566  1.000 8.598  0 26  HYP C N   1 ? 
HETATM 486 C CA  . HYP C 1 26 ? 23.005  -13.163 15.614  1.000 10.371 0 26  HYP C CA  1 ? 
HETATM 487 C C   . HYP C 1 26 ? 24.374  -12.861 15.029  1.000 12.010 0 26  HYP C C   1 ? 
HETATM 488 O O   . HYP C 1 26 ? 24.711  -13.360 13.969  1.000 12.804 0 26  HYP C O   1 ? 
HETATM 489 C CB  . HYP C 1 26 ? 23.099  -14.518 16.346  1.000 11.058 0 26  HYP C CB  1 ? 
HETATM 490 C CG  . HYP C 1 26 ? 21.793  -15.201 16.037  1.000 12.631 0 26  HYP C CG  1 ? 
HETATM 491 C CD  . HYP C 1 26 ? 21.490  -14.765 14.618  1.000 10.101 0 26  HYP C CD  1 ? 
HETATM 492 O OD1 . HYP C 1 26 ? 20.816  -14.666 16.909  1.000 16.642 0 26  HYP C OD1 1 ? 
ATOM   493 N N   . GLY C 1 27 ? 25.149  -12.099 15.809  1.000 14.550 0 27  GLY C N   1 ? 
ATOM   494 C CA  . GLY C 1 27 ? 26.534  -11.779 15.523  1.000 17.579 0 27  GLY C CA  1 ? 
ATOM   495 C C   . GLY C 1 27 ? 27.447  -12.966 15.774  1.000 24.506 0 27  GLY C C   1 ? 
ATOM   496 O O   . GLY C 1 27 ? 27.052  -14.060 16.156  1.000 24.565 0 27  GLY C O   1 ? 
ATOM   497 O OXT . GLY C 1 27 ? 28.643  -12.787 15.540  1.000 32.849 0 27  GLY C OXT 1 ? 
HETATM 498 O O   . HOH D 2 .  ? 28.128  -7.855  22.195  1.000 34.602 0 101 HOH A O   1 ? 
HETATM 499 O O   . HOH D 2 .  ? -7.336  -3.729  -2.823  1.000 41.868 0 102 HOH A O   1 ? 
HETATM 500 O O   . HOH D 2 .  ? 22.819  -10.220 6.619   1.000 26.772 0 103 HOH A O   1 ? 
HETATM 501 O O   . HOH D 2 .  ? 20.954  -9.666  7.705   1.000 20.422 0 104 HOH A O   1 ? 
HETATM 502 O O   . HOH D 2 .  ? 8.750   -12.398 7.137   1.000 8.972  0 105 HOH A O   1 ? 
HETATM 503 O O   . HOH D 2 .  ? -4.541  -3.024  1.042   1.000 24.597 0 106 HOH A O   1 ? 
HETATM 504 O O   . HOH D 2 .  ? 6.230   -10.372 4.526   1.000 14.030 0 107 HOH A O   1 ? 
HETATM 505 O O   . HOH D 2 .  ? -10.549 -1.831  -1.561  1.000 38.452 0 108 HOH A O   1 ? 
HETATM 506 O O   . HOH D 2 .  ? 18.732  -7.387  4.609   1.000 11.865 0 109 HOH A O   1 ? 
HETATM 507 O O   . HOH D 2 .  ? -10.342 0.261   -8.315  1.000 33.015 0 110 HOH A O   1 ? 
HETATM 508 O O   . HOH D 2 .  ? -1.900  -0.729  -5.540  1.000 14.485 0 111 HOH A O   1 ? 
HETATM 509 O O   . HOH D 2 .  ? 25.379  -12.851 9.451   1.000 22.165 0 112 HOH A O   1 ? 
HETATM 510 O O   . HOH D 2 .  ? 3.083   -2.846  -2.662  1.000 22.662 0 113 HOH A O   1 ? 
HETATM 511 O O   . HOH D 2 .  ? 24.799  -4.815  14.652  1.000 22.643 0 114 HOH A O   1 ? 
HETATM 512 O O   . HOH D 2 .  ? 8.516   -11.450 9.783   1.000 9.088  0 115 HOH A O   1 ? 
HETATM 513 O O   . HOH D 2 .  ? 6.580   -2.711  -1.390  1.000 16.117 0 116 HOH A O   1 ? 
HETATM 514 O O   . HOH D 2 .  ? 3.163   -7.229  3.424   1.000 33.394 0 117 HOH A O   1 ? 
HETATM 515 O O   . HOH D 2 .  ? 28.477  -9.225  12.589  1.000 25.893 0 118 HOH A O   1 ? 
HETATM 516 O O   . HOH D 2 .  ? 26.111  -5.646  10.896  1.000 14.688 0 119 HOH A O   1 ? 
HETATM 517 O O   . HOH D 2 .  ? 1.504   -4.059  4.278   1.000 20.361 0 120 HOH A O   1 ? 
HETATM 518 O O   . HOH D 2 .  ? 29.971  -5.922  20.898  1.000 36.173 0 121 HOH A O   1 ? 
HETATM 519 O O   . HOH D 2 .  ? -4.004  1.971   5.987   1.000 33.513 0 122 HOH A O   1 ? 
HETATM 520 O O   . HOH D 2 .  ? 27.339  -11.214 8.031   1.000 31.694 0 123 HOH A O   1 ? 
HETATM 521 O O   . HOH D 2 .  ? 27.410  -4.191  15.171  1.000 38.103 0 124 HOH A O   1 ? 
HETATM 522 O O   . HOH D 2 .  ? 3.905   -8.692  4.889   1.000 25.022 0 125 HOH A O   1 ? 
HETATM 523 O O   . HOH E 2 .  ? 23.618  -15.053 20.249  1.000 31.758 0 101 HOH B O   1 ? 
HETATM 524 O O   . HOH E 2 .  ? 19.970  -0.867  12.082  1.000 36.181 0 102 HOH B O   1 ? 
HETATM 525 O O   . HOH E 2 .  ? 14.493  -1.212  12.333  1.000 20.138 0 103 HOH B O   1 ? 
HETATM 526 O O   . HOH E 2 .  ? 17.512  -1.318  11.026  1.000 25.153 0 104 HOH B O   1 ? 
HETATM 527 O O   . HOH E 2 .  ? 5.925   -0.199  -2.347  1.000 25.672 0 105 HOH B O   1 ? 
HETATM 528 O O   . HOH E 2 .  ? 22.842  -5.770  21.141  1.000 29.480 0 106 HOH B O   1 ? 
HETATM 529 O O   . HOH E 2 .  ? 1.329   5.249   -1.416  1.000 30.069 0 107 HOH B O   1 ? 
HETATM 530 O O   . HOH E 2 .  ? 12.250  0.485   3.569   1.000 12.241 0 108 HOH B O   1 ? 
HETATM 531 O O   . HOH E 2 .  ? 10.215  2.040   2.224   1.000 15.284 0 109 HOH B O   1 ? 
HETATM 532 O O   . HOH E 2 .  ? 17.715  -8.513  17.665  1.000 9.980  0 110 HOH B O   1 ? 
HETATM 533 O O   . HOH E 2 .  ? 23.664  -2.490  13.619  1.000 16.574 0 111 HOH B O   1 ? 
HETATM 534 O O   . HOH E 2 .  ? -2.714  2.422   -8.552  1.000 39.385 0 112 HOH B O   1 ? 
HETATM 535 O O   . HOH E 2 .  ? 0.976   7.347   -2.400  1.000 35.720 0 113 HOH B O   1 ? 
HETATM 536 O O   . HOH E 2 .  ? 14.835  -0.348  3.031   1.000 16.307 0 114 HOH B O   1 ? 
HETATM 537 O O   . HOH E 2 .  ? 2.794   3.801   2.459   1.000 20.381 0 115 HOH B O   1 ? 
HETATM 538 O O   . HOH E 2 .  ? 21.559  -5.591  18.569  1.000 28.495 0 116 HOH B O   1 ? 
HETATM 539 O O   . HOH E 2 .  ? -3.730  6.207   -3.614  1.000 22.300 0 117 HOH B O   1 ? 
HETATM 540 O O   . HOH E 2 .  ? -6.729  0.959   -11.394 1.000 33.518 0 118 HOH B O   1 ? 
HETATM 541 O O   . HOH E 2 .  ? 18.274  -4.415  17.933  1.000 16.601 0 119 HOH B O   1 ? 
HETATM 542 O O   . HOH E 2 .  ? 13.919  -5.613  -0.230  1.000 15.197 0 120 HOH B O   1 ? 
HETATM 543 O O   . HOH E 2 .  ? -4.400  -5.859  -3.552  1.000 32.847 0 121 HOH B O   1 ? 
HETATM 544 O O   . HOH E 2 .  ? 10.434  -5.390  -1.986  1.000 32.983 0 122 HOH B O   1 ? 
HETATM 545 O O   . HOH E 2 .  ? 15.872  2.014   3.589   1.000 13.331 0 123 HOH B O   1 ? 
HETATM 546 O O   . HOH E 2 .  ? 18.438  -8.140  20.267  1.000 24.217 0 124 HOH B O   1 ? 
HETATM 547 O O   . HOH E 2 .  ? 5.743   0.656   -4.464  1.000 29.816 0 125 HOH B O   1 ? 
HETATM 548 O O   . HOH E 2 .  ? 19.729  -0.683  9.655   1.000 23.086 0 126 HOH B O   1 ? 
HETATM 549 O O   . HOH E 2 .  ? -0.350  9.200   -0.797  1.000 28.582 0 127 HOH B O   1 ? 
HETATM 550 O O   . HOH F 2 .  ? -9.799  3.181   -1.374  1.000 27.822 0 101 HOH C O   1 ? 
HETATM 551 O O   . HOH F 2 .  ? 18.171  -14.578 16.789  1.000 20.399 0 102 HOH C O   1 ? 
HETATM 552 O O   . HOH F 2 .  ? 26.349  -13.392 11.849  1.000 20.184 0 103 HOH C O   1 ? 
HETATM 553 O O   . HOH F 2 .  ? 11.089  -7.923  15.235  1.000 8.019  0 104 HOH C O   1 ? 
HETATM 554 O O   . HOH F 2 .  ? 0.231   4.097   3.406   1.000 22.280 0 105 HOH C O   1 ? 
HETATM 555 O O   . HOH F 2 .  ? -10.063 7.652   -10.228 1.000 32.845 0 106 HOH C O   1 ? 
HETATM 556 O O   . HOH F 2 .  ? 4.782   -0.739  9.215   1.000 20.827 0 107 HOH C O   1 ? 
HETATM 557 O O   . HOH F 2 .  ? 15.070  -7.933  17.523  1.000 6.757  0 108 HOH C O   1 ? 
HETATM 558 O O   . HOH F 2 .  ? 10.419  -6.469  13.012  1.000 6.364  0 109 HOH C O   1 ? 
HETATM 559 O O   . HOH F 2 .  ? 7.498   2.352   9.665   1.000 9.862  0 110 HOH C O   1 ? 
HETATM 560 O O   . HOH F 2 .  ? 21.266  -15.370 19.536  1.000 26.930 0 111 HOH C O   1 ? 
HETATM 561 O O   . HOH F 2 .  ? 6.423   0.280   11.022  1.000 10.787 0 112 HOH C O   1 ? 
HETATM 562 O O   . HOH F 2 .  ? 14.773  -12.908 12.047  1.000 15.235 0 113 HOH C O   1 ? 
HETATM 563 O O   . HOH F 2 .  ? 17.498  -13.162 14.898  1.000 19.508 0 114 HOH C O   1 ? 
HETATM 564 O O   . HOH F 2 .  ? 17.573  -12.823 9.946   1.000 15.444 0 115 HOH C O   1 ? 
HETATM 565 O O   . HOH F 2 .  ? -8.879  8.368   0.327   1.000 46.221 0 116 HOH C O   1 ? 
HETATM 566 O O   . HOH F 2 .  ? -4.531  4.390   3.420   1.000 35.025 0 117 HOH C O   1 ? 
HETATM 567 O O   . HOH F 2 .  ? 2.104   -0.201  8.419   1.000 18.228 0 118 HOH C O   1 ? 
HETATM 568 O O   . HOH F 2 .  ? -3.281  -2.099  3.336   1.000 19.088 0 119 HOH C O   1 ? 
HETATM 569 O O   . HOH F 2 .  ? 9.026   4.736   5.932   1.000 33.047 0 120 HOH C O   1 ? 
HETATM 570 O O   . HOH F 2 .  ? 30.289  -14.056 17.602  1.000 39.802 0 121 HOH C O   1 ? 
HETATM 571 O O   . HOH F 2 .  ? 18.150  -14.791 12.179  1.000 28.051 0 122 HOH C O   1 ? 
HETATM 572 O O   . HOH F 2 .  ? 20.041  -18.008 18.652  1.000 35.412 0 123 HOH C O   1 ? 
HETATM 573 O O   . HOH F 2 .  ? 0.118   1.677   8.137   1.000 18.787 0 124 HOH C O   1 ? 
HETATM 574 O O   . HOH F 2 .  ? 10.473  -11.331 11.829  1.000 11.787 0 125 HOH C O   1 ? 
HETATM 575 O O   . HOH F 2 .  ? 28.402  -11.573 11.523  1.000 24.976 0 126 HOH C O   1 ? 
# 
loop_
_pdbx_poly_seq_scheme.asym_id 
_pdbx_poly_seq_scheme.entity_id 
_pdbx_poly_seq_scheme.seq_id 
_pdbx_poly_seq_scheme.mon_id 
_pdbx_poly_seq_scheme.ndb_seq_num 
_pdbx_poly_seq_scheme.pdb_seq_num 
_pdbx_poly_seq_scheme.auth_seq_num 
_pdbx_poly_seq_scheme.pdb_mon_id 
_pdbx_poly_seq_scheme.auth_mon_id 
_pdbx_poly_seq_scheme.pdb_strand_id 
_pdbx_poly_seq_scheme.pdb_ins_code 
_pdbx_poly_seq_scheme.hetero 
A 1 1  PRO 1  1  ?  ?   ?   A . n 
A 1 2  HYP 2  2  2  HYP HYP A . n 
A 1 3  GLY 3  3  3  GLY GLY A . n 
A 1 4  PRO 4  4  4  PRO PRO A . n 
A 1 5  HYP 5  5  5  HYP HYP A . n 
A 1 6  GLY 6  6  6  GLY GLY A . n 
A 1 7  PRO 7  7  7  PRO PRO A . n 
A 1 8  HYP 8  8  8  HYP HYP A . n 
A 1 9  GLY 9  9  9  GLY GLY A . n 
A 1 10 GLU 10 10 10 GLU GLU A . n 
A 1 11 LYS 11 11 11 LYS LYS A . n 
A 1 12 GLY 12 12 12 GLY GLY A . n 
A 1 13 SER 13 13 13 SER SER A . n 
A 1 14 PRO 14 14 14 PRO PRO A . n 
A 1 15 GLY 15 15 15 GLY GLY A . n 
A 1 16 ALA 16 16 16 ALA ALA A . n 
A 1 17 GLN 17 17 17 GLN GLN A . n 
A 1 18 GLY 18 18 18 GLY GLY A . n 
A 1 19 PRO 19 19 19 PRO PRO A . n 
A 1 20 HYP 20 20 20 HYP HYP A . n 
A 1 21 GLY 21 21 21 GLY GLY A . n 
A 1 22 PRO 22 22 22 PRO PRO A . n 
A 1 23 HYP 23 23 23 HYP HYP A . n 
A 1 24 GLY 24 24 24 GLY GLY A . n 
A 1 25 PRO 25 25 25 PRO PRO A . n 
A 1 26 HYP 26 26 26 HYP HYP A . n 
A 1 27 GLY 27 27 27 GLY GLY A . n 
B 1 1  PRO 1  1  1  PRO PRO B . n 
B 1 2  HYP 2  2  2  HYP HYP B . n 
B 1 3  GLY 3  3  3  GLY GLY B . n 
B 1 4  PRO 4  4  4  PRO PRO B . n 
B 1 5  HYP 5  5  5  HYP HYP B . n 
B 1 6  GLY 6  6  6  GLY GLY B . n 
B 1 7  PRO 7  7  7  PRO PRO B . n 
B 1 8  HYP 8  8  8  HYP HYP B . n 
B 1 9  GLY 9  9  9  GLY GLY B . n 
B 1 10 GLU 10 10 10 GLU GLU B . n 
B 1 11 LYS 11 11 11 LYS LYS B . n 
B 1 12 GLY 12 12 12 GLY GLY B . n 
B 1 13 SER 13 13 13 SER SER B . n 
B 1 14 PRO 14 14 14 PRO PRO B . n 
B 1 15 GLY 15 15 15 GLY GLY B . n 
B 1 16 ALA 16 16 16 ALA ALA B . n 
B 1 17 GLN 17 17 17 GLN GLN B . n 
B 1 18 GLY 18 18 18 GLY GLY B . n 
B 1 19 PRO 19 19 19 PRO PRO B . n 
B 1 20 HYP 20 20 20 HYP HYP B . n 
B 1 21 GLY 21 21 21 GLY GLY B . n 
B 1 22 PRO 22 22 22 PRO PRO B . n 
B 1 23 HYP 23 23 23 HYP HYP B . n 
B 1 24 GLY 24 24 24 GLY GLY B . n 
B 1 25 PRO 25 25 25 PRO PRO B . n 
B 1 26 HYP 26 26 26 HYP HYP B . n 
B 1 27 GLY 27 27 27 GLY GLY B . n 
C 1 1  PRO 1  1  ?  ?   ?   C . n 
C 1 2  HYP 2  2  ?  ?   ?   C . n 
C 1 3  GLY 3  3  3  GLY GLY C . n 
C 1 4  PRO 4  4  4  PRO PRO C . n 
C 1 5  HYP 5  5  5  HYP HYP C . n 
C 1 6  GLY 6  6  6  GLY GLY C . n 
C 1 7  PRO 7  7  7  PRO PRO C . n 
C 1 8  HYP 8  8  8  HYP HYP C . n 
C 1 9  GLY 9  9  9  GLY GLY C . n 
C 1 10 GLU 10 10 10 GLU GLU C . n 
C 1 11 LYS 11 11 11 LYS LYS C . n 
C 1 12 GLY 12 12 12 GLY GLY C . n 
C 1 13 SER 13 13 13 SER SER C . n 
C 1 14 PRO 14 14 14 PRO PRO C . n 
C 1 15 GLY 15 15 15 GLY GLY C . n 
C 1 16 ALA 16 16 16 ALA ALA C . n 
C 1 17 GLN 17 17 17 GLN GLN C . n 
C 1 18 GLY 18 18 18 GLY GLY C . n 
C 1 19 PRO 19 19 19 PRO PRO C . n 
C 1 20 HYP 20 20 20 HYP HYP C . n 
C 1 21 GLY 21 21 21 GLY GLY C . n 
C 1 22 PRO 22 22 22 PRO PRO C . n 
C 1 23 HYP 23 23 23 HYP HYP C . n 
C 1 24 GLY 24 24 24 GLY GLY C . n 
C 1 25 PRO 25 25 25 PRO PRO C . n 
C 1 26 HYP 26 26 26 HYP HYP C . n 
C 1 27 GLY 27 27 27 GLY GLY C . n 
# 
_pdbx_contact_author.id                 2 
_pdbx_contact_author.email              chuyun@trausim.com 
_pdbx_contact_author.name_first         Yun 
_pdbx_contact_author.name_last          Chu 
_pdbx_contact_author.name_mi            ? 
_pdbx_contact_author.role               'principal investigator/group leader' 
_pdbx_contact_author.identifier_ORCID   0000-0002-1497-3781 
# 
loop_
_pdbx_nonpoly_scheme.asym_id 
_pdbx_nonpoly_scheme.entity_id 
_pdbx_nonpoly_scheme.mon_id 
_pdbx_nonpoly_scheme.ndb_seq_num 
_pdbx_nonpoly_scheme.pdb_seq_num 
_pdbx_nonpoly_scheme.auth_seq_num 
_pdbx_nonpoly_scheme.pdb_mon_id 
_pdbx_nonpoly_scheme.auth_mon_id 
_pdbx_nonpoly_scheme.pdb_strand_id 
_pdbx_nonpoly_scheme.pdb_ins_code 
D 2 HOH 1  101 60 HOH HOH A . 
D 2 HOH 2  102 78 HOH HOH A . 
D 2 HOH 3  103 53 HOH HOH A . 
D 2 HOH 4  104 63 HOH HOH A . 
D 2 HOH 5  105 12 HOH HOH A . 
D 2 HOH 6  106 44 HOH HOH A . 
D 2 HOH 7  107 20 HOH HOH A . 
D 2 HOH 8  108 70 HOH HOH A . 
D 2 HOH 9  109 48 HOH HOH A . 
D 2 HOH 10 110 33 HOH HOH A . 
D 2 HOH 11 111 1  HOH HOH A . 
D 2 HOH 12 112 27 HOH HOH A . 
D 2 HOH 13 113 23 HOH HOH A . 
D 2 HOH 14 114 5  HOH HOH A . 
D 2 HOH 15 115 56 HOH HOH A . 
D 2 HOH 16 116 26 HOH HOH A . 
D 2 HOH 17 117 57 HOH HOH A . 
D 2 HOH 18 118 38 HOH HOH A . 
D 2 HOH 19 119 51 HOH HOH A . 
D 2 HOH 20 120 25 HOH HOH A . 
D 2 HOH 21 121 76 HOH HOH A . 
D 2 HOH 22 122 68 HOH HOH A . 
D 2 HOH 23 123 21 HOH HOH A . 
D 2 HOH 24 124 28 HOH HOH A . 
D 2 HOH 25 125 62 HOH HOH A . 
E 2 HOH 1  101 67 HOH HOH B . 
E 2 HOH 2  102 73 HOH HOH B . 
E 2 HOH 3  103 59 HOH HOH B . 
E 2 HOH 4  104 40 HOH HOH B . 
E 2 HOH 5  105 31 HOH HOH B . 
E 2 HOH 6  106 35 HOH HOH B . 
E 2 HOH 7  107 24 HOH HOH B . 
E 2 HOH 8  108 2  HOH HOH B . 
E 2 HOH 9  109 14 HOH HOH B . 
E 2 HOH 10 110 47 HOH HOH B . 
E 2 HOH 11 111 58 HOH HOH B . 
E 2 HOH 12 112 72 HOH HOH B . 
E 2 HOH 13 113 77 HOH HOH B . 
E 2 HOH 14 114 7  HOH HOH B . 
E 2 HOH 15 115 16 HOH HOH B . 
E 2 HOH 16 116 52 HOH HOH B . 
E 2 HOH 17 117 17 HOH HOH B . 
E 2 HOH 18 118 43 HOH HOH B . 
E 2 HOH 19 119 66 HOH HOH B . 
E 2 HOH 20 120 45 HOH HOH B . 
E 2 HOH 21 121 74 HOH HOH B . 
E 2 HOH 22 122 41 HOH HOH B . 
E 2 HOH 23 123 46 HOH HOH B . 
E 2 HOH 24 124 55 HOH HOH B . 
E 2 HOH 25 125 65 HOH HOH B . 
E 2 HOH 26 126 42 HOH HOH B . 
E 2 HOH 27 127 54 HOH HOH B . 
F 2 HOH 1  101 36 HOH HOH C . 
F 2 HOH 2  102 13 HOH HOH C . 
F 2 HOH 3  103 11 HOH HOH C . 
F 2 HOH 4  104 8  HOH HOH C . 
F 2 HOH 5  105 30 HOH HOH C . 
F 2 HOH 6  106 71 HOH HOH C . 
F 2 HOH 7  107 18 HOH HOH C . 
F 2 HOH 8  108 6  HOH HOH C . 
F 2 HOH 9  109 4  HOH HOH C . 
F 2 HOH 10 110 22 HOH HOH C . 
F 2 HOH 11 111 10 HOH HOH C . 
F 2 HOH 12 112 3  HOH HOH C . 
F 2 HOH 13 113 15 HOH HOH C . 
F 2 HOH 14 114 19 HOH HOH C . 
F 2 HOH 15 115 9  HOH HOH C . 
F 2 HOH 16 116 75 HOH HOH C . 
F 2 HOH 17 117 69 HOH HOH C . 
F 2 HOH 18 118 29 HOH HOH C . 
F 2 HOH 19 119 32 HOH HOH C . 
F 2 HOH 20 120 37 HOH HOH C . 
F 2 HOH 21 121 39 HOH HOH C . 
F 2 HOH 22 122 64 HOH HOH C . 
F 2 HOH 23 123 61 HOH HOH C . 
F 2 HOH 24 124 50 HOH HOH C . 
F 2 HOH 25 125 49 HOH HOH C . 
F 2 HOH 26 126 34 HOH HOH C . 
# 
loop_
_pdbx_struct_mod_residue.id 
_pdbx_struct_mod_residue.label_asym_id 
_pdbx_struct_mod_residue.label_comp_id 
_pdbx_struct_mod_residue.label_seq_id 
_pdbx_struct_mod_residue.auth_asym_id 
_pdbx_struct_mod_residue.auth_comp_id 
_pdbx_struct_mod_residue.auth_seq_id 
_pdbx_struct_mod_residue.PDB_ins_code 
_pdbx_struct_mod_residue.parent_comp_id 
_pdbx_struct_mod_residue.details 
1 A HYP 8  A HYP 8  ? PRO 'modified residue' 
2 A HYP 20 A HYP 20 ? PRO 'modified residue' 
3 A HYP 23 A HYP 23 ? PRO 'modified residue' 
4 B HYP 8  B HYP 8  ? PRO 'modified residue' 
5 B HYP 20 B HYP 20 ? PRO 'modified residue' 
6 B HYP 23 B HYP 23 ? PRO 'modified residue' 
7 C HYP 8  C HYP 8  ? PRO 'modified residue' 
8 C HYP 20 C HYP 20 ? PRO 'modified residue' 
9 C HYP 23 C HYP 23 ? PRO 'modified residue' 
# 
_pdbx_struct_assembly.id                   1 
_pdbx_struct_assembly.details              author_and_software_defined_assembly 
_pdbx_struct_assembly.method_details       PISA 
_pdbx_struct_assembly.oligomeric_details   trimeric 
_pdbx_struct_assembly.oligomeric_count     3 
# 
_pdbx_struct_assembly_gen.assembly_id       1 
_pdbx_struct_assembly_gen.oper_expression   1 
_pdbx_struct_assembly_gen.asym_id_list      A,B,C,D,E,F 
# 
loop_
_pdbx_struct_assembly_prop.biol_id 
_pdbx_struct_assembly_prop.type 
_pdbx_struct_assembly_prop.value 
_pdbx_struct_assembly_prop.details 
1 'ABSA (A^2)' 4500 ? 
1 MORE         -19  ? 
1 'SSA (A^2)'  4590 ? 
# 
_pdbx_struct_oper_list.id                   1 
_pdbx_struct_oper_list.type                 'identity operation' 
_pdbx_struct_oper_list.name                 1_555 
_pdbx_struct_oper_list.symmetry_operation   x,y,z 
_pdbx_struct_oper_list.matrix[1][1]         1.0000000000 
_pdbx_struct_oper_list.matrix[1][2]         0.0000000000 
_pdbx_struct_oper_list.matrix[1][3]         0.0000000000 
_pdbx_struct_oper_list.vector[1]            0.0000000000 
_pdbx_struct_oper_list.matrix[2][1]         0.0000000000 
_pdbx_struct_oper_list.matrix[2][2]         1.0000000000 
_pdbx_struct_oper_list.matrix[2][3]         0.0000000000 
_pdbx_struct_oper_list.vector[2]            0.0000000000 
_pdbx_struct_oper_list.matrix[3][1]         0.0000000000 
_pdbx_struct_oper_list.matrix[3][2]         0.0000000000 
_pdbx_struct_oper_list.matrix[3][3]         1.0000000000 
_pdbx_struct_oper_list.vector[3]            0.0000000000 
# 
loop_
_pdbx_audit_revision_history.ordinal 
_pdbx_audit_revision_history.data_content_type 
_pdbx_audit_revision_history.major_revision 
_pdbx_audit_revision_history.minor_revision 
_pdbx_audit_revision_history.revision_date 
1 'Structure model' 1 0 2022-04-06 
2 'Structure model' 1 1 2023-06-21 
3 'Structure model' 1 2 2023-11-29 
# 
_pdbx_audit_revision_details.ordinal             1 
_pdbx_audit_revision_details.revision_ordinal    1 
_pdbx_audit_revision_details.data_content_type   'Structure model' 
_pdbx_audit_revision_details.provider            repository 
_pdbx_audit_revision_details.type                'Initial release' 
_pdbx_audit_revision_details.description         ? 
_pdbx_audit_revision_details.details             ? 
# 
loop_
_pdbx_audit_revision_group.ordinal 
_pdbx_audit_revision_group.revision_ordinal 
_pdbx_audit_revision_group.data_content_type 
_pdbx_audit_revision_group.group 
1 2 'Structure model' 'Database references'    
2 2 'Structure model' 'Derived calculations'   
3 2 'Structure model' 'Structure summary'      
4 3 'Structure model' 'Data collection'        
5 3 'Structure model' 'Refinement description' 
# 
loop_
_pdbx_audit_revision_category.ordinal 
_pdbx_audit_revision_category.revision_ordinal 
_pdbx_audit_revision_category.data_content_type 
_pdbx_audit_revision_category.category 
1 2 'Structure model' atom_type                     
2 2 'Structure model' citation                      
3 2 'Structure model' struct                        
4 3 'Structure model' chem_comp_atom                
5 3 'Structure model' chem_comp_bond                
6 3 'Structure model' pdbx_initial_refinement_model 
# 
loop_
_pdbx_audit_revision_item.ordinal 
_pdbx_audit_revision_item.revision_ordinal 
_pdbx_audit_revision_item.data_content_type 
_pdbx_audit_revision_item.item 
1 2 'Structure model' '_atom_type.pdbx_N_electrons' 
2 2 'Structure model' '_atom_type.pdbx_scat_Z'      
3 2 'Structure model' '_citation.title'             
4 2 'Structure model' '_struct.title'               
# 
loop_
_software.citation_id 
_software.classification 
_software.compiler_name 
_software.compiler_version 
_software.contact_author 
_software.contact_author_email 
_software.date 
_software.description 
_software.dependencies 
_software.hardware 
_software.language 
_software.location 
_software.mods 
_software.name 
_software.os 
_software.os_version 
_software.type 
_software.version 
_software.pdbx_ordinal 
? refinement       ? ? ? ? ? ? ? ? ? ? ? REFMAC  ? ? ? 5.8.0267 1 
? 'data reduction' ? ? ? ? ? ? ? ? ? ? ? XDS     ? ? ? .        2 
? 'data scaling'   ? ? ? ? ? ? ? ? ? ? ? Aimless ? ? ? .        3 
? phasing          ? ? ? ? ? ? ? ? ? ? ? PHASER  ? ? ? .        4 
# 
_pdbx_entry_details.entry_id                 7XAN 
_pdbx_entry_details.has_ligand_of_interest   Y 
_pdbx_entry_details.compound_details         ? 
_pdbx_entry_details.source_details           ? 
_pdbx_entry_details.nonpolymer_details       ? 
_pdbx_entry_details.sequence_details         ? 
# 
loop_
_pdbx_validate_symm_contact.id 
_pdbx_validate_symm_contact.PDB_model_num 
_pdbx_validate_symm_contact.auth_atom_id_1 
_pdbx_validate_symm_contact.auth_asym_id_1 
_pdbx_validate_symm_contact.auth_comp_id_1 
_pdbx_validate_symm_contact.auth_seq_id_1 
_pdbx_validate_symm_contact.PDB_ins_code_1 
_pdbx_validate_symm_contact.label_alt_id_1 
_pdbx_validate_symm_contact.site_symmetry_1 
_pdbx_validate_symm_contact.auth_atom_id_2 
_pdbx_validate_symm_contact.auth_asym_id_2 
_pdbx_validate_symm_contact.auth_comp_id_2 
_pdbx_validate_symm_contact.auth_seq_id_2 
_pdbx_validate_symm_contact.PDB_ins_code_2 
_pdbx_validate_symm_contact.label_alt_id_2 
_pdbx_validate_symm_contact.site_symmetry_2 
_pdbx_validate_symm_contact.dist 
1 1 O B HOH 102 ? ? 1_555 O B HOH 122 ? ? 2_545 2.08 
2 1 O B HOH 125 ? ? 1_555 O C HOH 123 ? ? 2_655 2.10 
# 
loop_
_pdbx_unobs_or_zero_occ_residues.id 
_pdbx_unobs_or_zero_occ_residues.PDB_model_num 
_pdbx_unobs_or_zero_occ_residues.polymer_flag 
_pdbx_unobs_or_zero_occ_residues.occupancy_flag 
_pdbx_unobs_or_zero_occ_residues.auth_asym_id 
_pdbx_unobs_or_zero_occ_residues.auth_comp_id 
_pdbx_unobs_or_zero_occ_residues.auth_seq_id 
_pdbx_unobs_or_zero_occ_residues.PDB_ins_code 
_pdbx_unobs_or_zero_occ_residues.label_asym_id 
_pdbx_unobs_or_zero_occ_residues.label_comp_id 
_pdbx_unobs_or_zero_occ_residues.label_seq_id 
1 1 Y 1 A PRO 1 ? A PRO 1 
2 1 Y 1 C PRO 1 ? C PRO 1 
3 1 Y 1 C HYP 2 ? C HYP 2 
# 
loop_
_chem_comp_atom.comp_id 
_chem_comp_atom.atom_id 
_chem_comp_atom.type_symbol 
_chem_comp_atom.pdbx_aromatic_flag 
_chem_comp_atom.pdbx_stereo_config 
_chem_comp_atom.pdbx_ordinal 
ALA N    N N N 1   
ALA CA   C N S 2   
ALA C    C N N 3   
ALA O    O N N 4   
ALA CB   C N N 5   
ALA OXT  O N N 6   
ALA H    H N N 7   
ALA H2   H N N 8   
ALA HA   H N N 9   
ALA HB1  H N N 10  
ALA HB2  H N N 11  
ALA HB3  H N N 12  
ALA HXT  H N N 13  
ASP N    N N N 14  
ASP CA   C N S 15  
ASP C    C N N 16  
ASP O    O N N 17  
ASP CB   C N N 18  
ASP CG   C N N 19  
ASP OD1  O N N 20  
ASP OD2  O N N 21  
ASP OXT  O N N 22  
ASP H    H N N 23  
ASP H2   H N N 24  
ASP HA   H N N 25  
ASP HB2  H N N 26  
ASP HB3  H N N 27  
ASP HD2  H N N 28  
ASP HXT  H N N 29  
GLN N    N N N 30  
GLN CA   C N S 31  
GLN C    C N N 32  
GLN O    O N N 33  
GLN CB   C N N 34  
GLN CG   C N N 35  
GLN CD   C N N 36  
GLN OE1  O N N 37  
GLN NE2  N N N 38  
GLN OXT  O N N 39  
GLN H    H N N 40  
GLN H2   H N N 41  
GLN HA   H N N 42  
GLN HB2  H N N 43  
GLN HB3  H N N 44  
GLN HG2  H N N 45  
GLN HG3  H N N 46  
GLN HE21 H N N 47  
GLN HE22 H N N 48  
GLN HXT  H N N 49  
GLU N    N N N 50  
GLU CA   C N S 51  
GLU C    C N N 52  
GLU O    O N N 53  
GLU CB   C N N 54  
GLU CG   C N N 55  
GLU CD   C N N 56  
GLU OE1  O N N 57  
GLU OE2  O N N 58  
GLU OXT  O N N 59  
GLU H    H N N 60  
GLU H2   H N N 61  
GLU HA   H N N 62  
GLU HB2  H N N 63  
GLU HB3  H N N 64  
GLU HG2  H N N 65  
GLU HG3  H N N 66  
GLU HE2  H N N 67  
GLU HXT  H N N 68  
GLY N    N N N 69  
GLY CA   C N N 70  
GLY C    C N N 71  
GLY O    O N N 72  
GLY OXT  O N N 73  
GLY H    H N N 74  
GLY H2   H N N 75  
GLY HA2  H N N 76  
GLY HA3  H N N 77  
GLY HXT  H N N 78  
HOH O    O N N 79  
HOH H1   H N N 80  
HOH H2   H N N 81  
HYP N    N N N 82  
HYP CA   C N S 83  
HYP C    C N N 84  
HYP O    O N N 85  
HYP CB   C N N 86  
HYP CG   C N R 87  
HYP CD   C N N 88  
HYP OD1  O N N 89  
HYP OXT  O N N 90  
HYP H    H N N 91  
HYP HA   H N N 92  
HYP HB2  H N N 93  
HYP HB3  H N N 94  
HYP HG   H N N 95  
HYP HD22 H N N 96  
HYP HD23 H N N 97  
HYP HD1  H N N 98  
HYP HXT  H N N 99  
LEU N    N N N 100 
LEU CA   C N S 101 
LEU C    C N N 102 
LEU O    O N N 103 
LEU CB   C N N 104 
LEU CG   C N N 105 
LEU CD1  C N N 106 
LEU CD2  C N N 107 
LEU OXT  O N N 108 
LEU H    H N N 109 
LEU H2   H N N 110 
LEU HA   H N N 111 
LEU HB2  H N N 112 
LEU HB3  H N N 113 
LEU HG   H N N 114 
LEU HD11 H N N 115 
LEU HD12 H N N 116 
LEU HD13 H N N 117 
LEU HD21 H N N 118 
LEU HD22 H N N 119 
LEU HD23 H N N 120 
LEU HXT  H N N 121 
LYS N    N N N 122 
LYS CA   C N S 123 
LYS C    C N N 124 
LYS O    O N N 125 
LYS CB   C N N 126 
LYS CG   C N N 127 
LYS CD   C N N 128 
LYS CE   C N N 129 
LYS NZ   N N N 130 
LYS OXT  O N N 131 
LYS H    H N N 132 
LYS H2   H N N 133 
LYS HA   H N N 134 
LYS HB2  H N N 135 
LYS HB3  H N N 136 
LYS HG2  H N N 137 
LYS HG3  H N N 138 
LYS HD2  H N N 139 
LYS HD3  H N N 140 
LYS HE2  H N N 141 
LYS HE3  H N N 142 
LYS HZ1  H N N 143 
LYS HZ2  H N N 144 
LYS HZ3  H N N 145 
LYS HXT  H N N 146 
PRO N    N N N 147 
PRO CA   C N S 148 
PRO C    C N N 149 
PRO O    O N N 150 
PRO CB   C N N 151 
PRO CG   C N N 152 
PRO CD   C N N 153 
PRO OXT  O N N 154 
PRO H    H N N 155 
PRO HA   H N N 156 
PRO HB2  H N N 157 
PRO HB3  H N N 158 
PRO HG2  H N N 159 
PRO HG3  H N N 160 
PRO HD2  H N N 161 
PRO HD3  H N N 162 
PRO HXT  H N N 163 
SER N    N N N 164 
SER CA   C N S 165 
SER C    C N N 166 
SER O    O N N 167 
SER CB   C N N 168 
SER OG   O N N 169 
SER OXT  O N N 170 
SER H    H N N 171 
SER H2   H N N 172 
SER HA   H N N 173 
SER HB2  H N N 174 
SER HB3  H N N 175 
SER HG   H N N 176 
SER HXT  H N N 177 
# 
loop_
_chem_comp_bond.comp_id 
_chem_comp_bond.atom_id_1 
_chem_comp_bond.atom_id_2 
_chem_comp_bond.value_order 
_chem_comp_bond.pdbx_aromatic_flag 
_chem_comp_bond.pdbx_stereo_config 
_chem_comp_bond.pdbx_ordinal 
ALA N   CA   sing N N 1   
ALA N   H    sing N N 2   
ALA N   H2   sing N N 3   
ALA CA  C    sing N N 4   
ALA CA  CB   sing N N 5   
ALA CA  HA   sing N N 6   
ALA C   O    doub N N 7   
ALA C   OXT  sing N N 8   
ALA CB  HB1  sing N N 9   
ALA CB  HB2  sing N N 10  
ALA CB  HB3  sing N N 11  
ALA OXT HXT  sing N N 12  
ASP N   CA   sing N N 13  
ASP N   H    sing N N 14  
ASP N   H2   sing N N 15  
ASP CA  C    sing N N 16  
ASP CA  CB   sing N N 17  
ASP CA  HA   sing N N 18  
ASP C   O    doub N N 19  
ASP C   OXT  sing N N 20  
ASP CB  CG   sing N N 21  
ASP CB  HB2  sing N N 22  
ASP CB  HB3  sing N N 23  
ASP CG  OD1  doub N N 24  
ASP CG  OD2  sing N N 25  
ASP OD2 HD2  sing N N 26  
ASP OXT HXT  sing N N 27  
GLN N   CA   sing N N 28  
GLN N   H    sing N N 29  
GLN N   H2   sing N N 30  
GLN CA  C    sing N N 31  
GLN CA  CB   sing N N 32  
GLN CA  HA   sing N N 33  
GLN C   O    doub N N 34  
GLN C   OXT  sing N N 35  
GLN CB  CG   sing N N 36  
GLN CB  HB2  sing N N 37  
GLN CB  HB3  sing N N 38  
GLN CG  CD   sing N N 39  
GLN CG  HG2  sing N N 40  
GLN CG  HG3  sing N N 41  
GLN CD  OE1  doub N N 42  
GLN CD  NE2  sing N N 43  
GLN NE2 HE21 sing N N 44  
GLN NE2 HE22 sing N N 45  
GLN OXT HXT  sing N N 46  
GLU N   CA   sing N N 47  
GLU N   H    sing N N 48  
GLU N   H2   sing N N 49  
GLU CA  C    sing N N 50  
GLU CA  CB   sing N N 51  
GLU CA  HA   sing N N 52  
GLU C   O    doub N N 53  
GLU C   OXT  sing N N 54  
GLU CB  CG   sing N N 55  
GLU CB  HB2  sing N N 56  
GLU CB  HB3  sing N N 57  
GLU CG  CD   sing N N 58  
GLU CG  HG2  sing N N 59  
GLU CG  HG3  sing N N 60  
GLU CD  OE1  doub N N 61  
GLU CD  OE2  sing N N 62  
GLU OE2 HE2  sing N N 63  
GLU OXT HXT  sing N N 64  
GLY N   CA   sing N N 65  
GLY N   H    sing N N 66  
GLY N   H2   sing N N 67  
GLY CA  C    sing N N 68  
GLY CA  HA2  sing N N 69  
GLY CA  HA3  sing N N 70  
GLY C   O    doub N N 71  
GLY C   OXT  sing N N 72  
GLY OXT HXT  sing N N 73  
HOH O   H1   sing N N 74  
HOH O   H2   sing N N 75  
HYP N   CA   sing N N 76  
HYP N   CD   sing N N 77  
HYP N   H    sing N N 78  
HYP CA  C    sing N N 79  
HYP CA  CB   sing N N 80  
HYP CA  HA   sing N N 81  
HYP C   O    doub N N 82  
HYP C   OXT  sing N N 83  
HYP CB  CG   sing N N 84  
HYP CB  HB2  sing N N 85  
HYP CB  HB3  sing N N 86  
HYP CG  CD   sing N N 87  
HYP CG  OD1  sing N N 88  
HYP CG  HG   sing N N 89  
HYP CD  HD22 sing N N 90  
HYP CD  HD23 sing N N 91  
HYP OD1 HD1  sing N N 92  
HYP OXT HXT  sing N N 93  
LEU N   CA   sing N N 94  
LEU N   H    sing N N 95  
LEU N   H2   sing N N 96  
LEU CA  C    sing N N 97  
LEU CA  CB   sing N N 98  
LEU CA  HA   sing N N 99  
LEU C   O    doub N N 100 
LEU C   OXT  sing N N 101 
LEU CB  CG   sing N N 102 
LEU CB  HB2  sing N N 103 
LEU CB  HB3  sing N N 104 
LEU CG  CD1  sing N N 105 
LEU CG  CD2  sing N N 106 
LEU CG  HG   sing N N 107 
LEU CD1 HD11 sing N N 108 
LEU CD1 HD12 sing N N 109 
LEU CD1 HD13 sing N N 110 
LEU CD2 HD21 sing N N 111 
LEU CD2 HD22 sing N N 112 
LEU CD2 HD23 sing N N 113 
LEU OXT HXT  sing N N 114 
LYS N   CA   sing N N 115 
LYS N   H    sing N N 116 
LYS N   H2   sing N N 117 
LYS CA  C    sing N N 118 
LYS CA  CB   sing N N 119 
LYS CA  HA   sing N N 120 
LYS C   O    doub N N 121 
LYS C   OXT  sing N N 122 
LYS CB  CG   sing N N 123 
LYS CB  HB2  sing N N 124 
LYS CB  HB3  sing N N 125 
LYS CG  CD   sing N N 126 
LYS CG  HG2  sing N N 127 
LYS CG  HG3  sing N N 128 
LYS CD  CE   sing N N 129 
LYS CD  HD2  sing N N 130 
LYS CD  HD3  sing N N 131 
LYS CE  NZ   sing N N 132 
LYS CE  HE2  sing N N 133 
LYS CE  HE3  sing N N 134 
LYS NZ  HZ1  sing N N 135 
LYS NZ  HZ2  sing N N 136 
LYS NZ  HZ3  sing N N 137 
LYS OXT HXT  sing N N 138 
PRO N   CA   sing N N 139 
PRO N   CD   sing N N 140 
PRO N   H    sing N N 141 
PRO CA  C    sing N N 142 
PRO CA  CB   sing N N 143 
PRO CA  HA   sing N N 144 
PRO C   O    doub N N 145 
PRO C   OXT  sing N N 146 
PRO CB  CG   sing N N 147 
PRO CB  HB2  sing N N 148 
PRO CB  HB3  sing N N 149 
PRO CG  CD   sing N N 150 
PRO CG  HG2  sing N N 151 
PRO CG  HG3  sing N N 152 
PRO CD  HD2  sing N N 153 
PRO CD  HD3  sing N N 154 
PRO OXT HXT  sing N N 155 
SER N   CA   sing N N 156 
SER N   H    sing N N 157 
SER N   H2   sing N N 158 
SER CA  C    sing N N 159 
SER CA  CB   sing N N 160 
SER CA  HA   sing N N 161 
SER C   O    doub N N 162 
SER C   OXT  sing N N 163 
SER CB  OG   sing N N 164 
SER CB  HB2  sing N N 165 
SER CB  HB3  sing N N 166 
SER OG  HG   sing N N 167 
SER OXT HXT  sing N N 168 
# 
_pdbx_entity_instance_feature.ordinal        1 
_pdbx_entity_instance_feature.comp_id        HYP 
_pdbx_entity_instance_feature.asym_id        ? 
_pdbx_entity_instance_feature.seq_num        ? 
_pdbx_entity_instance_feature.auth_comp_id   HYP 
_pdbx_entity_instance_feature.auth_asym_id   ? 
_pdbx_entity_instance_feature.auth_seq_num   ? 
_pdbx_entity_instance_feature.feature_type   'SUBJECT OF INVESTIGATION' 
_pdbx_entity_instance_feature.details        ? 
# 
_pdbx_entity_nonpoly.entity_id   2 
_pdbx_entity_nonpoly.name        water 
_pdbx_entity_nonpoly.comp_id     HOH 
# 
_pdbx_initial_refinement_model.id               1 
_pdbx_initial_refinement_model.entity_id_list   ? 
_pdbx_initial_refinement_model.type             'experimental model' 
_pdbx_initial_refinement_model.source_name      PDB 
_pdbx_initial_refinement_model.accession_code   2CUO 
_pdbx_initial_refinement_model.details          ? 
# 
_pdbx_struct_assembly_auth_evidence.id                     1 
_pdbx_struct_assembly_auth_evidence.assembly_id            1 
_pdbx_struct_assembly_auth_evidence.experimental_support   homology 
_pdbx_struct_assembly_auth_evidence.details                ? 
# 
